data_4C7J
#
_entry.id   4C7J
#
_cell.length_a   95.686
_cell.length_b   98.435
_cell.length_c   99.112
_cell.angle_alpha   90.00
_cell.angle_beta   90.00
_cell.angle_gamma   90.00
#
_symmetry.space_group_name_H-M   'P 21 21 21'
#
loop_
_entity.id
_entity.type
_entity.pdbx_description
1 polymer 'CORTICOSTEROID 11-BETA-DEHYDROGENASE ISOZYME 1'
2 non-polymer 'NADP NICOTINAMIDE-ADENINE-DINUCLEOTIDE PHOSPHATE'
3 non-polymer 4-cyclopropyl-2-(2-hydroxyethyloxy)-N-[(1S,3R)-5-oxidanyl-2-adamantyl]-1,3-thiazole-5-carboxamide
4 water water
#
_entity_poly.entity_id   1
_entity_poly.type   'polypeptide(L)'
_entity_poly.pdbx_seq_one_letter_code
;NEEFRPEMLQGKKVIVTGASKGIGREMAYHLAKMGAHVVVTARSKETLQKVVSHCLELGAASAHYIAGTMEDMTFAEQFV
AQAGKLMGGLDMLILNHITNTSLNLFHDDIHHVRKSMEVNFLSYVVLTVAALPMLKQSNGSIVVVSSLAGKVAYPLVAAY
SASKFALDGFFSSIRKEYSVSRVNVSITLCVLGLIDTETAMKAVSGIVHMQAAPKEECALEIIKGGALRQEEVYYDSSRW
TTLLIRNPSRKILEELYSTSYNMDRFINK
;
_entity_poly.pdbx_strand_id   A,B,C,D
#
loop_
_chem_comp.id
_chem_comp.type
_chem_comp.name
_chem_comp.formula
4YQ non-polymer 4-cyclopropyl-2-(2-hydroxyethyloxy)-N-[(1S,3R)-5-oxidanyl-2-adamantyl]-1,3-thiazole-5-carboxamide 'C19 H26 N2 O4 S'
NAP non-polymer 'NADP NICOTINAMIDE-ADENINE-DINUCLEOTIDE PHOSPHATE' 'C21 H28 N7 O17 P3'
#
# COMPACT_ATOMS: atom_id res chain seq x y z
N GLU A 3 -14.91 -2.74 -23.52
CA GLU A 3 -14.72 -1.43 -24.26
C GLU A 3 -13.79 -1.64 -25.47
N PHE A 4 -12.96 -2.68 -25.39
CA PHE A 4 -12.06 -3.05 -26.49
C PHE A 4 -12.84 -3.76 -27.56
N ARG A 5 -12.60 -3.40 -28.81
CA ARG A 5 -13.13 -4.13 -29.96
C ARG A 5 -12.00 -4.40 -30.97
N PRO A 6 -11.92 -5.64 -31.54
CA PRO A 6 -10.82 -5.97 -32.46
C PRO A 6 -10.67 -5.02 -33.64
N GLU A 7 -11.78 -4.43 -34.12
CA GLU A 7 -11.74 -3.49 -35.28
C GLU A 7 -10.91 -2.26 -34.99
N MET A 8 -10.64 -1.95 -33.71
CA MET A 8 -9.76 -0.80 -33.37
C MET A 8 -8.37 -0.94 -33.98
N LEU A 9 -7.93 -2.18 -34.20
CA LEU A 9 -6.62 -2.46 -34.77
C LEU A 9 -6.66 -2.70 -36.29
N GLN A 10 -7.87 -2.85 -36.84
CA GLN A 10 -8.01 -3.07 -38.29
C GLN A 10 -7.40 -1.95 -39.13
N GLY A 11 -6.57 -2.33 -40.09
CA GLY A 11 -5.86 -1.40 -40.91
C GLY A 11 -4.85 -0.54 -40.18
N LYS A 12 -4.58 -0.82 -38.88
CA LYS A 12 -3.59 -0.02 -38.16
C LYS A 12 -2.20 -0.49 -38.55
N LYS A 13 -1.26 0.46 -38.54
CA LYS A 13 0.12 0.23 -38.93
C LYS A 13 0.97 0.03 -37.66
N VAL A 14 1.31 -1.24 -37.39
CA VAL A 14 1.93 -1.65 -36.14
C VAL A 14 3.32 -2.27 -36.32
N ILE A 15 4.28 -1.82 -35.49
CA ILE A 15 5.62 -2.42 -35.41
C ILE A 15 5.64 -3.30 -34.15
N VAL A 16 6.17 -4.52 -34.26
CA VAL A 16 6.44 -5.35 -33.07
C VAL A 16 7.87 -5.84 -33.08
N THR A 17 8.67 -5.51 -32.05
CA THR A 17 10.04 -6.01 -31.99
C THR A 17 10.06 -7.34 -31.20
N GLY A 18 11.16 -8.08 -31.30
CA GLY A 18 11.32 -9.41 -30.69
C GLY A 18 10.10 -10.25 -30.96
N ALA A 19 9.65 -10.24 -32.23
CA ALA A 19 8.41 -10.91 -32.59
C ALA A 19 8.62 -12.19 -33.38
N SER A 20 9.84 -12.72 -33.34
CA SER A 20 10.07 -14.04 -33.97
C SER A 20 9.65 -15.19 -33.05
N LYS A 21 9.52 -14.92 -31.75
CA LYS A 21 9.08 -15.93 -30.80
C LYS A 21 8.44 -15.32 -29.56
N GLY A 22 7.93 -16.17 -28.68
CA GLY A 22 7.33 -15.74 -27.43
C GLY A 22 6.12 -14.82 -27.55
N ILE A 23 6.03 -13.84 -26.64
CA ILE A 23 4.91 -12.90 -26.57
C ILE A 23 4.85 -12.03 -27.82
N GLY A 24 6.04 -11.65 -28.32
CA GLY A 24 6.16 -10.84 -29.53
C GLY A 24 5.44 -11.49 -30.69
N ARG A 25 5.78 -12.76 -30.92
CA ARG A 25 5.16 -13.52 -32.02
C ARG A 25 3.65 -13.63 -31.82
N GLU A 26 3.23 -13.77 -30.57
CA GLU A 26 1.81 -13.90 -30.24
C GLU A 26 1.08 -12.60 -30.51
N MET A 27 1.72 -11.48 -30.20
CA MET A 27 1.19 -10.14 -30.55
C MET A 27 1.02 -9.98 -32.04
N ALA A 28 2.02 -10.38 -32.81
CA ALA A 28 1.93 -10.32 -34.26
C ALA A 28 0.74 -11.13 -34.74
N TYR A 29 0.59 -12.36 -34.23
CA TYR A 29 -0.58 -13.21 -34.58
C TYR A 29 -1.94 -12.62 -34.21
N HIS A 30 -2.07 -11.99 -33.05
CA HIS A 30 -3.32 -11.32 -32.72
C HIS A 30 -3.58 -10.11 -33.64
N LEU A 31 -2.54 -9.34 -33.93
CA LEU A 31 -2.66 -8.14 -34.78
C LEU A 31 -3.08 -8.55 -36.19
N ALA A 32 -2.58 -9.70 -36.64
CA ALA A 32 -2.88 -10.24 -37.98
C ALA A 32 -4.35 -10.58 -38.05
N LYS A 33 -4.84 -11.23 -37.00
CA LYS A 33 -6.21 -11.65 -36.94
C LYS A 33 -7.14 -10.42 -36.93
N MET A 34 -6.69 -9.31 -36.31
CA MET A 34 -7.49 -8.06 -36.30
C MET A 34 -7.42 -7.26 -37.60
N GLY A 35 -6.60 -7.73 -38.53
CA GLY A 35 -6.49 -7.10 -39.84
C GLY A 35 -5.62 -5.87 -39.84
N ALA A 36 -4.58 -5.89 -38.98
CA ALA A 36 -3.62 -4.78 -38.95
C ALA A 36 -2.56 -5.01 -40.00
N HIS A 37 -1.87 -3.93 -40.34
CA HIS A 37 -0.59 -4.02 -41.05
C HIS A 37 0.50 -4.24 -39.99
N VAL A 38 1.31 -5.31 -40.14
CA VAL A 38 2.45 -5.52 -39.18
C VAL A 38 3.84 -5.55 -39.84
N VAL A 39 4.82 -5.01 -39.12
CA VAL A 39 6.23 -5.14 -39.46
C VAL A 39 6.94 -5.64 -38.22
N VAL A 40 7.51 -6.84 -38.32
CA VAL A 40 8.10 -7.48 -37.15
C VAL A 40 9.61 -7.52 -37.32
N THR A 41 10.32 -7.66 -36.21
CA THR A 41 11.75 -7.68 -36.22
C THR A 41 12.29 -8.61 -35.11
N ALA A 42 13.47 -9.16 -35.36
CA ALA A 42 14.27 -10.05 -34.48
C ALA A 42 15.56 -10.27 -35.28
N ARG A 43 16.51 -11.04 -34.75
CA ARG A 43 17.72 -11.34 -35.54
C ARG A 43 17.51 -12.44 -36.61
N SER A 44 16.67 -13.45 -36.31
CA SER A 44 16.49 -14.64 -37.16
C SER A 44 15.54 -14.38 -38.32
N LYS A 45 16.07 -14.13 -39.52
CA LYS A 45 15.21 -13.81 -40.67
C LYS A 45 14.40 -15.01 -41.07
N GLU A 46 14.94 -16.21 -40.85
CA GLU A 46 14.26 -17.44 -41.22
C GLU A 46 13.04 -17.69 -40.32
N THR A 47 13.15 -17.37 -39.04
CA THR A 47 11.99 -17.51 -38.13
C THR A 47 10.96 -16.41 -38.41
N LEU A 48 11.44 -15.22 -38.72
CA LEU A 48 10.58 -14.09 -39.01
C LEU A 48 9.79 -14.36 -40.28
N GLN A 49 10.38 -15.05 -41.26
CA GLN A 49 9.69 -15.46 -42.50
C GLN A 49 8.47 -16.34 -42.19
N LYS A 50 8.64 -17.31 -41.29
CA LYS A 50 7.52 -18.17 -40.87
C LYS A 50 6.41 -17.36 -40.17
N VAL A 51 6.80 -16.45 -39.27
CA VAL A 51 5.87 -15.64 -38.50
C VAL A 51 5.04 -14.82 -39.48
N VAL A 52 5.74 -14.13 -40.39
CA VAL A 52 5.08 -13.32 -41.39
C VAL A 52 4.07 -14.12 -42.27
N SER A 53 4.49 -15.30 -42.77
CA SER A 53 3.60 -16.15 -43.56
C SER A 53 2.34 -16.55 -42.80
N HIS A 54 2.49 -16.84 -41.52
CA HIS A 54 1.33 -17.15 -40.69
C HIS A 54 0.47 -15.92 -40.44
N CYS A 55 1.08 -14.75 -40.25
CA CYS A 55 0.29 -13.54 -40.14
C CYS A 55 -0.65 -13.39 -41.37
N LEU A 56 -0.09 -13.58 -42.56
CA LEU A 56 -0.89 -13.45 -43.78
C LEU A 56 -2.02 -14.49 -43.79
N GLU A 57 -1.73 -15.75 -43.43
CA GLU A 57 -2.76 -16.79 -43.29
C GLU A 57 -3.89 -16.33 -42.37
N LEU A 58 -3.51 -15.67 -41.28
CA LEU A 58 -4.43 -15.28 -40.23
C LEU A 58 -5.32 -14.08 -40.58
N GLY A 59 -5.05 -13.39 -41.70
CA GLY A 59 -5.86 -12.24 -42.12
C GLY A 59 -5.16 -10.88 -42.10
N ALA A 60 -3.85 -10.84 -41.82
CA ALA A 60 -3.19 -9.53 -41.75
C ALA A 60 -3.45 -8.75 -43.05
N ALA A 61 -3.68 -7.46 -42.93
CA ALA A 61 -3.78 -6.59 -44.09
C ALA A 61 -2.50 -6.63 -44.93
N SER A 62 -1.34 -6.63 -44.26
CA SER A 62 0.00 -6.89 -44.86
C SER A 62 0.87 -7.31 -43.69
N ALA A 63 2.02 -7.96 -43.94
CA ALA A 63 2.91 -8.45 -42.87
C ALA A 63 4.30 -8.52 -43.49
N HIS A 64 5.27 -7.88 -42.85
CA HIS A 64 6.64 -7.84 -43.36
C HIS A 64 7.57 -7.97 -42.20
N TYR A 65 8.86 -8.18 -42.50
CA TYR A 65 9.92 -8.42 -41.51
C TYR A 65 11.21 -7.71 -41.90
N ILE A 66 11.95 -7.24 -40.90
CA ILE A 66 13.25 -6.64 -41.10
C ILE A 66 14.10 -7.31 -40.04
N ALA A 67 15.14 -8.03 -40.47
CA ALA A 67 15.97 -8.83 -39.58
C ALA A 67 17.23 -8.04 -39.23
N GLY A 68 17.63 -8.08 -37.96
CA GLY A 68 18.82 -7.38 -37.50
C GLY A 68 18.89 -7.36 -35.99
N THR A 69 19.98 -6.81 -35.47
CA THR A 69 20.19 -6.76 -34.04
C THR A 69 19.97 -5.34 -33.47
N MET A 70 19.23 -5.30 -32.37
CA MET A 70 19.00 -4.06 -31.67
C MET A 70 20.20 -3.67 -30.76
N GLU A 71 21.33 -4.40 -30.91
CA GLU A 71 22.63 -3.97 -30.39
C GLU A 71 23.15 -2.80 -31.21
N ASP A 72 22.72 -2.76 -32.47
CA ASP A 72 23.16 -1.79 -33.47
C ASP A 72 22.15 -0.66 -33.53
N MET A 73 22.53 0.53 -33.05
CA MET A 73 21.58 1.63 -32.94
C MET A 73 21.22 2.19 -34.30
N THR A 74 22.12 2.01 -35.28
CA THR A 74 21.85 2.50 -36.62
C THR A 74 20.93 1.53 -37.38
N PHE A 75 21.11 0.23 -37.24
CA PHE A 75 20.04 -0.72 -37.67
C PHE A 75 18.70 -0.28 -37.04
N ALA A 76 18.69 -0.02 -35.73
CA ALA A 76 17.47 0.38 -34.99
C ALA A 76 16.78 1.62 -35.59
N GLU A 77 17.52 2.72 -35.66
CA GLU A 77 17.01 3.98 -36.23
C GLU A 77 16.46 3.77 -37.65
N GLN A 78 17.19 3.02 -38.48
CA GLN A 78 16.80 2.78 -39.86
C GLN A 78 15.63 1.83 -40.01
N PHE A 79 15.49 0.87 -39.09
CA PHE A 79 14.38 -0.05 -39.06
C PHE A 79 13.03 0.64 -39.00
N VAL A 80 12.88 1.61 -38.11
CA VAL A 80 11.63 2.37 -37.99
C VAL A 80 11.26 3.10 -39.28
N ALA A 81 12.25 3.75 -39.92
CA ALA A 81 12.02 4.47 -41.20
C ALA A 81 11.58 3.48 -42.26
N GLN A 82 12.30 2.37 -42.36
CA GLN A 82 12.00 1.40 -43.40
C GLN A 82 10.62 0.79 -43.15
N ALA A 83 10.28 0.60 -41.87
CA ALA A 83 9.00 0.02 -41.48
C ALA A 83 7.85 0.95 -41.85
N GLY A 84 7.97 2.23 -41.48
CA GLY A 84 6.98 3.26 -41.85
C GLY A 84 6.79 3.52 -43.33
N LYS A 85 7.83 3.30 -44.14
CA LYS A 85 7.73 3.45 -45.59
C LYS A 85 6.99 2.26 -46.16
N LEU A 86 7.23 1.07 -45.61
CA LEU A 86 6.51 -0.12 -46.04
C LEU A 86 5.02 0.08 -45.81
N MET A 87 4.68 0.51 -44.61
CA MET A 87 3.29 0.61 -44.23
C MET A 87 2.61 1.93 -44.66
N GLY A 88 3.40 2.93 -45.02
CA GLY A 88 2.87 4.27 -45.33
C GLY A 88 2.44 4.97 -44.05
N GLY A 89 3.25 4.85 -43.00
CA GLY A 89 2.97 5.48 -41.69
C GLY A 89 3.13 4.52 -40.52
N LEU A 90 2.71 4.95 -39.30
CA LEU A 90 2.91 4.16 -38.06
C LEU A 90 1.89 4.57 -37.00
N ASP A 91 1.03 3.63 -36.55
CA ASP A 91 0.05 3.91 -35.48
C ASP A 91 0.45 3.36 -34.11
N MET A 92 1.26 2.30 -34.11
CA MET A 92 1.64 1.69 -32.86
C MET A 92 3.03 1.09 -32.98
N LEU A 93 3.83 1.39 -31.97
CA LEU A 93 5.17 0.87 -31.84
C LEU A 93 5.23 0.00 -30.56
N ILE A 94 5.34 -1.31 -30.74
CA ILE A 94 5.36 -2.24 -29.64
C ILE A 94 6.82 -2.68 -29.43
N LEU A 95 7.43 -2.16 -28.33
CA LEU A 95 8.84 -2.37 -28.00
C LEU A 95 8.87 -3.56 -27.04
N ASN A 96 9.36 -4.72 -27.51
CA ASN A 96 9.24 -5.96 -26.76
C ASN A 96 10.54 -6.77 -26.66
N HIS A 97 11.48 -6.55 -27.59
CA HIS A 97 12.72 -7.34 -27.61
C HIS A 97 13.56 -7.18 -26.35
N ILE A 98 14.32 -8.24 -25.98
CA ILE A 98 15.40 -8.15 -24.93
C ILE A 98 16.62 -8.95 -25.36
N THR A 99 17.74 -8.75 -24.67
CA THR A 99 18.92 -9.55 -24.98
C THR A 99 18.86 -10.85 -24.18
N ASN A 100 19.56 -11.89 -24.61
CA ASN A 100 19.52 -13.19 -23.94
C ASN A 100 19.98 -13.12 -22.48
N THR A 101 19.20 -13.71 -21.55
CA THR A 101 19.48 -13.68 -20.12
C THR A 101 19.06 -14.96 -19.38
N SER A 102 19.76 -15.21 -18.28
CA SER A 102 19.55 -16.36 -17.41
C SER A 102 19.38 -15.87 -15.96
N LEU A 103 18.84 -16.73 -15.09
CA LEU A 103 18.80 -16.48 -13.65
C LEU A 103 20.13 -16.88 -13.06
N ASN A 104 20.89 -15.88 -12.63
CA ASN A 104 22.21 -16.10 -12.10
C ASN A 104 22.58 -14.88 -11.28
N LEU A 105 23.35 -15.11 -10.21
CA LEU A 105 23.87 -14.08 -9.35
C LEU A 105 24.76 -13.14 -10.16
N PHE A 106 24.68 -11.86 -9.90
CA PHE A 106 25.61 -10.97 -10.51
C PHE A 106 26.98 -11.14 -9.86
N HIS A 107 28.03 -11.25 -10.66
CA HIS A 107 29.34 -11.25 -10.02
C HIS A 107 30.21 -10.06 -10.42
N ASP A 108 30.72 -10.15 -11.63
CA ASP A 108 31.75 -9.30 -12.17
C ASP A 108 31.33 -9.01 -13.63
N ASP A 109 30.02 -8.90 -13.87
CA ASP A 109 29.53 -8.90 -15.25
C ASP A 109 29.02 -7.57 -15.81
N ILE A 110 29.92 -6.59 -15.85
CA ILE A 110 29.67 -5.29 -16.47
C ILE A 110 29.23 -5.50 -17.91
N HIS A 111 29.86 -6.46 -18.60
CA HIS A 111 29.51 -6.73 -19.98
C HIS A 111 28.02 -6.98 -20.14
N HIS A 112 27.48 -7.89 -19.33
CA HIS A 112 26.08 -8.22 -19.40
C HIS A 112 25.21 -7.03 -18.99
N VAL A 113 25.68 -6.23 -18.01
CA VAL A 113 24.95 -5.03 -17.60
C VAL A 113 24.88 -4.04 -18.78
N ARG A 114 26.02 -3.82 -19.40
CA ARG A 114 26.13 -2.87 -20.49
C ARG A 114 25.30 -3.33 -21.71
N LYS A 115 25.38 -4.59 -22.07
CA LYS A 115 24.56 -5.15 -23.14
C LYS A 115 23.06 -5.12 -22.86
N SER A 116 22.64 -5.50 -21.65
CA SER A 116 21.26 -5.34 -21.21
C SER A 116 20.80 -3.89 -21.36
N MET A 117 21.63 -2.92 -20.94
CA MET A 117 21.19 -1.51 -21.07
C MET A 117 21.07 -1.09 -22.51
N GLU A 118 22.01 -1.50 -23.36
CA GLU A 118 21.98 -1.14 -24.78
C GLU A 118 20.77 -1.72 -25.48
N VAL A 119 20.55 -3.03 -25.31
CA VAL A 119 19.48 -3.76 -26.01
C VAL A 119 18.10 -3.49 -25.43
N ASN A 120 17.97 -3.65 -24.10
CA ASN A 120 16.66 -3.54 -23.48
C ASN A 120 16.19 -2.11 -23.25
N PHE A 121 17.12 -1.15 -23.28
CA PHE A 121 16.83 0.25 -23.00
C PHE A 121 17.25 1.24 -24.06
N LEU A 122 18.56 1.41 -24.34
CA LEU A 122 18.93 2.46 -25.30
C LEU A 122 18.24 2.33 -26.66
N SER A 123 18.21 1.10 -27.21
CA SER A 123 17.53 0.81 -28.48
C SER A 123 16.07 1.24 -28.47
N TYR A 124 15.40 1.08 -27.32
CA TYR A 124 13.99 1.43 -27.20
C TYR A 124 13.89 2.94 -27.35
N VAL A 125 14.89 3.67 -26.84
CA VAL A 125 14.85 5.14 -26.91
C VAL A 125 15.10 5.54 -28.39
N VAL A 126 16.09 4.89 -29.01
CA VAL A 126 16.44 5.13 -30.40
C VAL A 126 15.26 4.90 -31.34
N LEU A 127 14.55 3.80 -31.11
CA LEU A 127 13.37 3.43 -31.85
C LEU A 127 12.25 4.46 -31.69
N THR A 128 12.02 4.88 -30.45
CA THR A 128 11.07 5.94 -30.13
C THR A 128 11.40 7.25 -30.86
N VAL A 129 12.63 7.74 -30.74
CA VAL A 129 13.06 8.95 -31.45
C VAL A 129 12.76 8.85 -32.98
N ALA A 130 13.03 7.70 -33.60
CA ALA A 130 12.82 7.49 -35.03
C ALA A 130 11.33 7.39 -35.38
N ALA A 131 10.52 6.89 -34.43
CA ALA A 131 9.09 6.65 -34.61
C ALA A 131 8.23 7.85 -34.37
N LEU A 132 8.70 8.75 -33.51
CA LEU A 132 7.94 9.88 -33.02
C LEU A 132 7.29 10.82 -34.09
N PRO A 133 8.04 11.24 -35.14
CA PRO A 133 7.34 12.07 -36.17
C PRO A 133 6.12 11.38 -36.76
N MET A 134 6.22 10.09 -37.14
CA MET A 134 5.04 9.36 -37.60
C MET A 134 3.96 9.19 -36.55
N LEU A 135 4.34 8.94 -35.30
CA LEU A 135 3.31 8.73 -34.26
C LEU A 135 2.59 10.03 -33.91
N LYS A 136 3.31 11.16 -33.98
CA LYS A 136 2.69 12.48 -33.89
C LYS A 136 1.71 12.74 -35.05
N GLN A 137 2.02 12.30 -36.26
CA GLN A 137 1.09 12.47 -37.38
C GLN A 137 -0.20 11.65 -37.21
N SER A 138 -0.12 10.52 -36.51
CA SER A 138 -1.24 9.59 -36.42
C SER A 138 -1.90 9.54 -35.04
N ASN A 139 -1.46 10.38 -34.11
CA ASN A 139 -1.81 10.22 -32.68
C ASN A 139 -1.74 8.74 -32.22
N GLY A 140 -0.53 8.21 -32.42
CA GLY A 140 -0.21 6.81 -32.22
C GLY A 140 0.07 6.41 -30.79
N SER A 141 0.56 5.18 -30.64
CA SER A 141 0.85 4.55 -29.35
C SER A 141 2.24 4.00 -29.29
N ILE A 142 2.90 4.23 -28.15
CA ILE A 142 4.10 3.50 -27.78
C ILE A 142 3.71 2.48 -26.70
N VAL A 143 4.04 1.22 -26.97
CA VAL A 143 3.78 0.13 -26.04
C VAL A 143 5.13 -0.44 -25.61
N VAL A 144 5.47 -0.22 -24.34
CA VAL A 144 6.75 -0.64 -23.74
C VAL A 144 6.54 -1.90 -22.92
N VAL A 145 7.17 -2.99 -23.32
CA VAL A 145 6.96 -4.23 -22.61
C VAL A 145 7.99 -4.32 -21.51
N SER A 146 7.48 -4.26 -20.28
CA SER A 146 8.31 -4.40 -19.10
C SER A 146 8.00 -5.73 -18.34
N SER A 147 8.23 -5.72 -17.02
CA SER A 147 8.17 -6.89 -16.17
C SER A 147 7.87 -6.40 -14.76
N LEU A 148 7.48 -7.34 -13.90
CA LEU A 148 7.33 -7.11 -12.50
C LEU A 148 8.70 -6.82 -11.88
N ALA A 149 9.76 -7.41 -12.48
CA ALA A 149 11.14 -7.12 -12.09
C ALA A 149 11.56 -5.70 -12.51
N GLY A 150 10.69 -5.02 -13.27
CA GLY A 150 10.92 -3.60 -13.55
C GLY A 150 10.16 -2.68 -12.60
N LYS A 151 9.55 -3.27 -11.56
CA LYS A 151 8.78 -2.51 -10.53
C LYS A 151 9.20 -2.86 -9.11
N VAL A 152 9.64 -4.09 -8.92
CA VAL A 152 9.96 -4.68 -7.65
C VAL A 152 11.34 -5.40 -7.75
N ALA A 153 12.09 -5.51 -6.66
CA ALA A 153 13.42 -6.17 -6.71
C ALA A 153 13.37 -7.70 -6.49
N TYR A 154 13.96 -8.45 -7.41
CA TYR A 154 14.10 -9.93 -7.30
C TYR A 154 15.55 -10.30 -7.49
N PRO A 155 16.05 -11.35 -6.78
CA PRO A 155 17.43 -11.76 -7.07
C PRO A 155 17.52 -12.48 -8.43
N LEU A 156 18.74 -12.55 -8.97
CA LEU A 156 19.06 -13.32 -10.18
C LEU A 156 18.85 -12.62 -11.53
N VAL A 157 18.38 -11.36 -11.49
CA VAL A 157 17.99 -10.61 -12.67
C VAL A 157 18.37 -9.12 -12.55
N ALA A 158 19.51 -8.88 -11.92
CA ALA A 158 20.02 -7.52 -11.61
C ALA A 158 20.18 -6.58 -12.81
N ALA A 159 20.89 -7.02 -13.86
CA ALA A 159 21.10 -6.20 -15.06
C ALA A 159 19.79 -6.04 -15.84
N TYR A 160 19.01 -7.12 -15.87
CA TYR A 160 17.69 -7.15 -16.49
C TYR A 160 16.79 -6.14 -15.79
N SER A 161 16.72 -6.24 -14.46
CA SER A 161 15.91 -5.32 -13.63
C SER A 161 16.33 -3.86 -13.81
N ALA A 162 17.64 -3.58 -13.89
CA ALA A 162 18.11 -2.20 -14.16
C ALA A 162 17.55 -1.68 -15.46
N SER A 163 17.61 -2.49 -16.52
CA SER A 163 17.11 -2.06 -17.83
C SER A 163 15.60 -1.80 -17.79
N LYS A 164 14.84 -2.68 -17.15
CA LYS A 164 13.36 -2.52 -17.00
C LYS A 164 12.91 -1.35 -16.11
N PHE A 165 13.60 -1.15 -14.98
CA PHE A 165 13.39 0.03 -14.15
C PHE A 165 13.71 1.28 -15.01
N ALA A 166 14.83 1.28 -15.76
CA ALA A 166 15.16 2.41 -16.68
C ALA A 166 14.07 2.75 -17.69
N LEU A 167 13.35 1.74 -18.19
CA LEU A 167 12.27 1.96 -19.13
C LEU A 167 11.16 2.70 -18.42
N ASP A 168 10.89 2.32 -17.17
CA ASP A 168 9.84 2.99 -16.39
C ASP A 168 10.22 4.47 -16.23
N GLY A 169 11.43 4.73 -15.72
CA GLY A 169 11.89 6.13 -15.53
C GLY A 169 11.87 7.00 -16.78
N PHE A 170 12.34 6.45 -17.90
CA PHE A 170 12.36 7.22 -19.13
C PHE A 170 10.98 7.48 -19.71
N PHE A 171 10.22 6.41 -19.96
CA PHE A 171 8.92 6.52 -20.66
C PHE A 171 7.84 7.19 -19.82
N SER A 172 7.92 7.00 -18.48
CA SER A 172 6.96 7.69 -17.56
C SER A 172 7.20 9.19 -17.50
N SER A 173 8.45 9.60 -17.68
CA SER A 173 8.82 11.03 -17.63
C SER A 173 8.45 11.72 -18.93
N ILE A 174 8.72 11.03 -20.05
CA ILE A 174 8.30 11.41 -21.39
C ILE A 174 6.78 11.59 -21.39
N ARG A 175 6.06 10.65 -20.78
CA ARG A 175 4.59 10.75 -20.69
C ARG A 175 4.14 12.02 -19.99
N LYS A 176 4.79 12.38 -18.88
CA LYS A 176 4.45 13.66 -18.21
C LYS A 176 4.70 14.84 -19.15
N GLU A 177 5.79 14.78 -19.92
CA GLU A 177 6.15 15.81 -20.84
C GLU A 177 5.09 15.94 -21.91
N TYR A 178 4.50 14.82 -22.31
CA TYR A 178 3.45 14.85 -23.32
C TYR A 178 2.17 15.50 -22.84
N SER A 179 1.96 15.44 -21.53
CA SER A 179 0.81 16.05 -20.96
C SER A 179 1.03 17.55 -20.74
N VAL A 180 2.27 18.03 -20.86
CA VAL A 180 2.51 19.47 -20.70
C VAL A 180 2.71 20.18 -22.03
N SER A 181 3.05 19.42 -23.08
CA SER A 181 3.24 19.94 -24.43
C SER A 181 2.13 19.38 -25.35
N ARG A 182 1.17 18.72 -24.71
CA ARG A 182 0.00 18.14 -25.35
C ARG A 182 0.30 17.34 -26.63
N VAL A 183 1.42 16.64 -26.64
CA VAL A 183 1.71 15.66 -27.71
C VAL A 183 0.74 14.48 -27.49
N ASN A 184 -0.04 14.14 -28.51
CA ASN A 184 -1.06 13.13 -28.35
C ASN A 184 -0.55 11.74 -28.72
N VAL A 185 0.53 11.30 -28.08
CA VAL A 185 1.12 9.97 -28.28
C VAL A 185 0.98 9.26 -26.92
N SER A 186 0.24 8.16 -26.87
CA SER A 186 0.04 7.46 -25.60
C SER A 186 1.24 6.57 -25.38
N ILE A 187 1.48 6.25 -24.12
CA ILE A 187 2.61 5.43 -23.66
C ILE A 187 2.05 4.48 -22.61
N THR A 188 2.17 3.19 -22.89
CA THR A 188 1.61 2.09 -22.12
C THR A 188 2.78 1.26 -21.65
N LEU A 189 2.99 1.19 -20.33
CA LEU A 189 4.01 0.34 -19.75
C LEU A 189 3.34 -0.98 -19.35
N CYS A 190 3.94 -2.08 -19.74
CA CYS A 190 3.29 -3.39 -19.55
C CYS A 190 4.09 -4.11 -18.48
N VAL A 191 3.45 -4.27 -17.29
CA VAL A 191 4.09 -4.87 -16.16
C VAL A 191 3.65 -6.34 -16.07
N LEU A 192 4.51 -7.22 -16.56
CA LEU A 192 4.24 -8.66 -16.71
C LEU A 192 4.90 -9.52 -15.65
N GLY A 193 4.13 -10.47 -15.11
CA GLY A 193 4.65 -11.52 -14.26
C GLY A 193 5.24 -12.61 -15.14
N LEU A 194 5.54 -13.79 -14.57
CA LEU A 194 6.12 -14.84 -15.37
C LEU A 194 5.14 -15.34 -16.44
N ILE A 195 5.65 -15.41 -17.68
CA ILE A 195 4.87 -15.78 -18.85
C ILE A 195 5.49 -17.03 -19.44
N ASP A 196 4.64 -18.00 -19.81
CA ASP A 196 5.09 -19.33 -20.25
C ASP A 196 5.77 -19.49 -21.61
N THR A 197 6.54 -18.48 -22.05
CA THR A 197 7.35 -18.65 -23.27
C THR A 197 8.44 -19.69 -23.08
N GLU A 198 8.89 -20.28 -24.19
CA GLU A 198 9.96 -21.30 -24.23
C GLU A 198 11.25 -20.83 -23.53
N THR A 199 11.64 -19.59 -23.82
CA THR A 199 12.81 -18.97 -23.24
C THR A 199 12.68 -18.88 -21.73
N ALA A 200 11.56 -18.35 -21.26
CA ALA A 200 11.30 -18.24 -19.84
C ALA A 200 11.24 -19.61 -19.15
N MET A 201 10.49 -20.56 -19.72
CA MET A 201 10.31 -21.87 -19.11
C MET A 201 11.60 -22.67 -18.98
N LYS A 202 12.50 -22.55 -19.97
CA LYS A 202 13.83 -23.15 -19.88
C LYS A 202 14.75 -22.47 -18.85
N ALA A 203 14.70 -21.15 -18.76
CA ALA A 203 15.52 -20.37 -17.84
C ALA A 203 15.12 -20.57 -16.38
N VAL A 204 13.84 -20.83 -16.19
CA VAL A 204 13.22 -20.94 -14.89
C VAL A 204 13.21 -22.37 -14.28
N SER A 205 13.19 -23.43 -15.10
CA SER A 205 13.15 -24.84 -14.61
C SER A 205 14.19 -25.19 -13.58
N GLY A 206 13.72 -25.73 -12.46
CA GLY A 206 14.59 -26.19 -11.41
C GLY A 206 15.03 -25.05 -10.51
N ILE A 207 14.53 -23.85 -10.78
CA ILE A 207 14.88 -22.68 -9.98
C ILE A 207 13.64 -21.98 -9.43
N VAL A 208 12.70 -21.62 -10.31
CA VAL A 208 11.57 -20.85 -9.82
C VAL A 208 10.32 -21.71 -9.72
N HIS A 209 9.50 -21.46 -8.70
CA HIS A 209 8.29 -22.22 -8.46
C HIS A 209 7.08 -21.31 -8.45
N MET A 210 7.09 -20.37 -9.37
CA MET A 210 5.94 -19.52 -9.57
C MET A 210 5.22 -20.12 -10.79
N GLN A 211 3.91 -19.95 -10.86
CA GLN A 211 3.15 -20.43 -12.00
C GLN A 211 3.24 -19.37 -13.14
N ALA A 212 3.46 -19.81 -14.38
CA ALA A 212 3.51 -18.88 -15.53
C ALA A 212 2.13 -18.62 -16.13
N ALA A 213 1.88 -17.42 -16.64
CA ALA A 213 0.63 -17.12 -17.33
C ALA A 213 0.73 -17.46 -18.83
N PRO A 214 -0.40 -17.82 -19.47
CA PRO A 214 -0.31 -18.19 -20.88
C PRO A 214 0.11 -16.98 -21.71
N LYS A 215 1.01 -17.20 -22.66
CA LYS A 215 1.57 -16.13 -23.51
C LYS A 215 0.61 -15.55 -24.53
N GLU A 216 -0.42 -16.33 -24.95
CA GLU A 216 -1.39 -15.85 -25.96
C GLU A 216 -2.30 -14.79 -25.37
N GLU A 217 -2.76 -15.03 -24.15
CA GLU A 217 -3.60 -14.08 -23.46
C GLU A 217 -2.80 -12.85 -23.02
N CYS A 218 -1.52 -13.03 -22.73
CA CYS A 218 -0.61 -11.95 -22.34
C CYS A 218 -0.48 -10.95 -23.45
N ALA A 219 -0.13 -11.50 -24.61
CA ALA A 219 -0.05 -10.78 -25.88
C ALA A 219 -1.32 -10.01 -26.12
N LEU A 220 -2.48 -10.65 -25.89
CA LEU A 220 -3.75 -9.99 -26.16
C LEU A 220 -3.98 -8.83 -25.19
N GLU A 221 -3.68 -9.05 -23.90
CA GLU A 221 -3.86 -8.02 -22.88
C GLU A 221 -2.95 -6.82 -23.14
N ILE A 222 -1.79 -7.04 -23.78
CA ILE A 222 -0.87 -5.93 -24.05
C ILE A 222 -1.48 -5.05 -25.15
N ILE A 223 -1.95 -5.71 -26.21
CA ILE A 223 -2.57 -5.08 -27.36
C ILE A 223 -3.82 -4.29 -26.97
N LYS A 224 -4.67 -4.91 -26.15
CA LYS A 224 -5.88 -4.26 -25.61
C LYS A 224 -5.51 -2.99 -24.87
N GLY A 225 -4.50 -3.09 -24.02
CA GLY A 225 -4.09 -1.96 -23.20
C GLY A 225 -3.54 -0.82 -24.02
N GLY A 226 -2.77 -1.16 -25.05
CA GLY A 226 -2.22 -0.13 -25.96
C GLY A 226 -3.30 0.52 -26.78
N ALA A 227 -4.25 -0.30 -27.28
CA ALA A 227 -5.30 0.22 -28.16
C ALA A 227 -6.21 1.12 -27.38
N LEU A 228 -6.46 0.77 -26.12
CA LEU A 228 -7.24 1.63 -25.21
C LEU A 228 -6.39 2.72 -24.54
N ARG A 229 -5.11 2.78 -24.89
CA ARG A 229 -4.16 3.81 -24.43
C ARG A 229 -4.03 3.89 -22.88
N GLN A 230 -4.08 2.74 -22.20
CA GLN A 230 -3.89 2.71 -20.75
C GLN A 230 -2.44 3.06 -20.42
N GLU A 231 -2.19 3.80 -19.33
CA GLU A 231 -0.81 4.17 -18.97
C GLU A 231 0.04 2.98 -18.63
N GLU A 232 -0.56 2.04 -17.93
CA GLU A 232 0.06 0.77 -17.57
C GLU A 232 -0.91 -0.41 -17.72
N VAL A 233 -0.36 -1.56 -18.08
CA VAL A 233 -1.12 -2.80 -18.10
C VAL A 233 -0.43 -3.76 -17.16
N TYR A 234 -1.18 -4.38 -16.25
CA TYR A 234 -0.62 -5.38 -15.35
C TYR A 234 -1.15 -6.75 -15.80
N TYR A 235 -0.27 -7.75 -15.88
CA TYR A 235 -0.72 -9.07 -16.25
C TYR A 235 0.12 -10.15 -15.58
N ASP A 236 -0.54 -10.93 -14.72
CA ASP A 236 0.11 -12.03 -13.98
C ASP A 236 -0.88 -13.19 -13.84
N SER A 237 -0.36 -14.38 -13.62
CA SER A 237 -1.22 -15.54 -13.34
C SER A 237 -1.87 -15.46 -11.96
N SER A 238 -1.40 -14.58 -11.09
CA SER A 238 -2.05 -14.43 -9.79
C SER A 238 -2.87 -13.15 -9.70
N ARG A 239 -4.12 -13.29 -9.29
CA ARG A 239 -4.99 -12.15 -9.04
C ARG A 239 -4.38 -11.28 -7.91
N TRP A 240 -3.78 -11.92 -6.92
CA TRP A 240 -3.18 -11.21 -5.80
C TRP A 240 -2.12 -10.19 -6.25
N THR A 241 -1.14 -10.65 -7.02
CA THR A 241 -0.01 -9.77 -7.38
C THR A 241 -0.48 -8.60 -8.25
N THR A 242 -1.45 -8.90 -9.11
CA THR A 242 -2.14 -7.89 -9.91
C THR A 242 -2.72 -6.77 -9.05
N LEU A 243 -3.37 -7.15 -7.94
CA LEU A 243 -3.94 -6.19 -6.99
C LEU A 243 -2.86 -5.36 -6.31
N LEU A 244 -1.77 -6.03 -5.94
CA LEU A 244 -0.67 -5.42 -5.22
C LEU A 244 0.29 -4.59 -6.06
N ILE A 245 0.28 -4.78 -7.38
CA ILE A 245 1.18 -4.03 -8.25
C ILE A 245 0.91 -2.49 -8.30
N ARG A 246 -0.34 -2.05 -8.23
CA ARG A 246 -0.69 -0.62 -8.24
C ARG A 246 0.07 0.20 -7.20
N ASN A 247 0.26 1.49 -7.46
CA ASN A 247 0.98 2.35 -6.54
C ASN A 247 0.33 3.72 -6.49
N PRO A 248 -0.67 3.88 -5.60
CA PRO A 248 -1.38 5.16 -5.54
C PRO A 248 -0.50 6.28 -5.05
N SER A 249 0.49 5.95 -4.19
CA SER A 249 1.41 6.94 -3.62
C SER A 249 2.20 7.69 -4.70
N ARG A 250 2.80 6.92 -5.61
CA ARG A 250 3.48 7.46 -6.77
C ARG A 250 2.56 8.40 -7.54
N LYS A 251 1.33 7.99 -7.81
CA LYS A 251 0.41 8.81 -8.63
C LYS A 251 0.09 10.17 -7.98
N ILE A 252 -0.14 10.18 -6.66
CA ILE A 252 -0.45 11.38 -5.89
C ILE A 252 0.75 12.31 -5.91
N LEU A 253 1.89 11.74 -5.56
CA LEU A 253 3.17 12.41 -5.53
C LEU A 253 3.47 13.10 -6.85
N GLU A 254 3.31 12.41 -7.97
CA GLU A 254 3.48 12.99 -9.32
C GLU A 254 2.53 14.16 -9.53
N GLU A 255 1.27 13.97 -9.14
CA GLU A 255 0.26 15.00 -9.30
C GLU A 255 0.47 16.18 -8.34
N LEU A 256 1.01 15.91 -7.17
CA LEU A 256 1.33 16.95 -6.18
C LEU A 256 2.30 17.99 -6.75
N TYR A 257 3.07 17.59 -7.76
CA TYR A 257 4.06 18.45 -8.40
C TYR A 257 3.71 18.93 -9.82
N SER A 258 2.47 18.69 -10.26
CA SER A 258 2.01 19.15 -11.58
C SER A 258 1.97 20.69 -11.67
N THR A 259 1.63 21.33 -10.55
CA THR A 259 1.60 22.80 -10.46
C THR A 259 2.99 23.47 -10.39
N SER A 260 4.05 22.66 -10.19
CA SER A 260 5.41 23.17 -9.98
C SER A 260 6.12 23.65 -11.26
N TYR A 261 5.62 23.25 -12.43
CA TYR A 261 6.28 23.58 -13.70
C TYR A 261 5.58 24.68 -14.51
N ASN A 262 6.30 25.80 -14.72
CA ASN A 262 5.82 26.94 -15.49
C ASN A 262 5.45 26.58 -16.93
N GLU B 3 19.81 6.65 17.75
CA GLU B 3 20.61 5.43 17.44
C GLU B 3 21.95 5.81 16.80
N PHE B 4 21.93 6.84 15.93
CA PHE B 4 23.15 7.29 15.27
C PHE B 4 24.00 8.14 16.19
N ARG B 5 25.30 7.85 16.18
CA ARG B 5 26.31 8.64 16.86
C ARG B 5 27.36 9.01 15.81
N PRO B 6 27.88 10.25 15.85
CA PRO B 6 28.96 10.64 14.91
C PRO B 6 30.21 9.77 15.02
N GLU B 7 30.43 9.17 16.19
CA GLU B 7 31.57 8.28 16.45
C GLU B 7 31.52 6.99 15.62
N MET B 8 30.36 6.70 15.04
CA MET B 8 30.20 5.59 14.12
C MET B 8 31.10 5.69 12.89
N LEU B 9 31.53 6.90 12.55
CA LEU B 9 32.31 7.10 11.32
C LEU B 9 33.78 7.35 11.63
N GLN B 10 34.10 7.44 12.90
CA GLN B 10 35.45 7.72 13.35
C GLN B 10 36.37 6.61 12.90
N GLY B 11 37.44 6.97 12.23
CA GLY B 11 38.36 5.97 11.66
C GLY B 11 37.90 5.11 10.48
N LYS B 12 36.66 5.27 10.04
CA LYS B 12 36.14 4.56 8.83
C LYS B 12 36.79 5.04 7.51
N LYS B 13 36.90 4.11 6.55
CA LYS B 13 37.56 4.35 5.28
C LYS B 13 36.49 4.54 4.20
N VAL B 14 36.33 5.79 3.73
CA VAL B 14 35.16 6.22 2.95
C VAL B 14 35.60 6.94 1.67
N ILE B 15 35.03 6.49 0.54
CA ILE B 15 35.15 7.13 -0.76
C ILE B 15 33.90 7.95 -0.94
N VAL B 16 34.05 9.18 -1.41
CA VAL B 16 32.88 9.96 -1.84
C VAL B 16 33.16 10.45 -3.26
N THR B 17 32.31 10.05 -4.22
CA THR B 17 32.47 10.55 -5.60
C THR B 17 31.68 11.83 -5.82
N GLY B 18 32.03 12.58 -6.86
CA GLY B 18 31.36 13.86 -7.11
C GLY B 18 31.45 14.75 -5.91
N ALA B 19 32.62 14.83 -5.28
CA ALA B 19 32.78 15.53 -3.98
C ALA B 19 33.52 16.88 -4.02
N SER B 20 33.62 17.46 -5.21
CA SER B 20 34.27 18.78 -5.36
C SER B 20 33.33 19.90 -4.95
N LYS B 21 32.02 19.63 -5.01
CA LYS B 21 30.99 20.59 -4.61
C LYS B 21 29.69 19.88 -4.25
N GLY B 22 28.68 20.69 -3.93
CA GLY B 22 27.33 20.25 -3.59
C GLY B 22 27.18 19.26 -2.42
N ILE B 23 26.27 18.31 -2.59
CA ILE B 23 26.02 17.32 -1.56
C ILE B 23 27.27 16.47 -1.29
N GLY B 24 27.96 16.03 -2.34
CA GLY B 24 29.21 15.27 -2.21
C GLY B 24 30.25 15.96 -1.34
N ARG B 25 30.51 17.25 -1.58
CA ARG B 25 31.43 18.03 -0.76
C ARG B 25 31.00 18.10 0.71
N GLU B 26 29.71 18.31 0.95
CA GLU B 26 29.18 18.44 2.30
C GLU B 26 29.25 17.10 3.04
N MET B 27 29.20 16.01 2.28
CA MET B 27 29.30 14.68 2.85
C MET B 27 30.76 14.43 3.30
N ALA B 28 31.71 14.86 2.46
CA ALA B 28 33.12 14.83 2.77
C ALA B 28 33.45 15.60 4.05
N TYR B 29 32.90 16.83 4.17
CA TYR B 29 33.11 17.73 5.33
C TYR B 29 32.56 17.12 6.61
N HIS B 30 31.30 16.70 6.56
CA HIS B 30 30.72 15.91 7.65
C HIS B 30 31.59 14.71 8.08
N LEU B 31 32.08 13.92 7.10
CA LEU B 31 32.90 12.74 7.39
C LEU B 31 34.20 13.11 8.09
N ALA B 32 34.77 14.21 7.66
CA ALA B 32 36.00 14.76 8.20
C ALA B 32 35.79 15.14 9.66
N LYS B 33 34.71 15.88 9.96
CA LYS B 33 34.40 16.33 11.34
C LYS B 33 34.30 15.12 12.27
N MET B 34 33.84 14.00 11.72
CA MET B 34 33.56 12.77 12.45
C MET B 34 34.81 11.91 12.56
N GLY B 35 35.90 12.42 11.97
CA GLY B 35 37.21 11.80 12.06
C GLY B 35 37.34 10.56 11.20
N ALA B 36 36.61 10.50 10.09
CA ALA B 36 36.79 9.42 9.12
C ALA B 36 38.06 9.65 8.27
N HIS B 37 38.44 8.64 7.50
CA HIS B 37 39.42 8.74 6.43
C HIS B 37 38.60 9.02 5.17
N VAL B 38 38.92 10.09 4.42
CA VAL B 38 38.28 10.29 3.10
C VAL B 38 39.17 10.26 1.88
N VAL B 39 38.62 9.75 0.78
CA VAL B 39 39.22 9.90 -0.56
C VAL B 39 38.08 10.43 -1.43
N VAL B 40 38.27 11.64 -1.93
CA VAL B 40 37.26 12.31 -2.74
C VAL B 40 37.65 12.31 -4.22
N THR B 41 36.65 12.35 -5.09
CA THR B 41 36.93 12.39 -6.53
C THR B 41 35.90 13.26 -7.29
N ALA B 42 36.33 13.75 -8.47
CA ALA B 42 35.61 14.61 -9.42
C ALA B 42 36.63 14.90 -10.55
N ARG B 43 36.21 15.51 -11.66
CA ARG B 43 37.19 15.85 -12.71
C ARG B 43 38.19 16.92 -12.29
N SER B 44 37.72 17.93 -11.56
CA SER B 44 38.51 19.12 -11.27
C SER B 44 39.46 18.99 -10.10
N LYS B 45 40.74 18.84 -10.40
CA LYS B 45 41.76 18.76 -9.38
C LYS B 45 41.81 20.01 -8.48
N GLU B 46 41.57 21.19 -9.07
CA GLU B 46 41.69 22.45 -8.31
C GLU B 46 40.72 22.49 -7.15
N THR B 47 39.44 22.26 -7.47
CA THR B 47 38.34 22.22 -6.49
C THR B 47 38.52 21.09 -5.43
N LEU B 48 38.89 19.88 -5.90
CA LEU B 48 39.13 18.73 -5.03
C LEU B 48 40.17 19.05 -3.96
N GLN B 49 41.29 19.69 -4.32
CA GLN B 49 42.40 20.03 -3.39
C GLN B 49 41.92 20.92 -2.27
N LYS B 50 41.01 21.83 -2.59
CA LYS B 50 40.44 22.73 -1.60
C LYS B 50 39.52 21.99 -0.65
N VAL B 51 38.81 20.99 -1.17
CA VAL B 51 37.91 20.22 -0.33
C VAL B 51 38.75 19.44 0.69
N VAL B 52 39.83 18.83 0.19
CA VAL B 52 40.76 18.01 0.98
C VAL B 52 41.43 18.79 2.10
N SER B 53 41.93 19.99 1.79
CA SER B 53 42.52 20.87 2.81
C SER B 53 41.58 21.13 3.95
N HIS B 54 40.35 21.49 3.59
CA HIS B 54 39.38 21.85 4.58
C HIS B 54 38.92 20.62 5.35
N CYS B 55 38.94 19.46 4.68
CA CYS B 55 38.66 18.17 5.35
C CYS B 55 39.65 17.94 6.50
N LEU B 56 40.94 18.15 6.24
CA LEU B 56 42.00 18.06 7.26
C LEU B 56 41.80 19.06 8.42
N GLU B 57 41.45 20.30 8.13
CA GLU B 57 41.16 21.34 9.15
C GLU B 57 39.98 20.95 10.07
N LEU B 58 38.95 20.39 9.45
CA LEU B 58 37.76 19.91 10.12
C LEU B 58 38.04 18.66 10.97
N GLY B 59 39.17 18.00 10.74
CA GLY B 59 39.56 16.85 11.57
C GLY B 59 39.55 15.45 10.97
N ALA B 60 39.64 15.32 9.65
CA ALA B 60 39.65 13.99 9.06
C ALA B 60 40.88 13.24 9.61
N ALA B 61 40.78 11.93 9.82
CA ALA B 61 41.93 11.11 10.15
C ALA B 61 42.97 11.25 9.02
N SER B 62 42.46 11.34 7.78
CA SER B 62 43.27 11.59 6.59
C SER B 62 42.31 11.97 5.47
N ALA B 63 42.79 12.72 4.48
CA ALA B 63 41.97 13.17 3.34
C ALA B 63 42.84 13.25 2.10
N HIS B 64 42.38 12.67 0.99
CA HIS B 64 43.11 12.60 -0.25
C HIS B 64 42.13 12.79 -1.37
N TYR B 65 42.65 13.06 -2.56
CA TYR B 65 41.79 13.21 -3.72
C TYR B 65 42.45 12.51 -4.88
N ILE B 66 41.64 12.13 -5.86
CA ILE B 66 42.11 11.60 -7.12
C ILE B 66 41.19 12.21 -8.14
N ALA B 67 41.73 12.85 -9.18
CA ALA B 67 40.93 13.55 -10.18
C ALA B 67 40.79 12.72 -11.45
N GLY B 68 39.62 12.71 -12.03
CA GLY B 68 39.38 11.91 -13.23
C GLY B 68 37.92 11.86 -13.54
N THR B 69 37.59 11.38 -14.73
CA THR B 69 36.22 11.38 -15.20
C THR B 69 35.57 10.00 -15.18
N MET B 70 34.35 9.95 -14.66
CA MET B 70 33.65 8.68 -14.51
C MET B 70 33.00 8.23 -15.82
N GLU B 71 33.28 8.96 -16.92
CA GLU B 71 32.94 8.52 -18.28
C GLU B 71 33.96 7.46 -18.67
N ASP B 72 35.11 7.49 -17.99
CA ASP B 72 36.22 6.57 -18.23
C ASP B 72 36.15 5.40 -17.22
N MET B 73 35.76 4.23 -17.71
CA MET B 73 35.54 3.06 -16.85
C MET B 73 36.83 2.50 -16.27
N THR B 74 37.95 2.69 -16.99
CA THR B 74 39.23 2.21 -16.49
C THR B 74 39.66 3.14 -15.38
N PHE B 75 39.47 4.46 -15.55
CA PHE B 75 39.67 5.38 -14.44
C PHE B 75 38.81 4.98 -13.21
N ALA B 76 37.51 4.70 -13.41
CA ALA B 76 36.62 4.31 -12.29
C ALA B 76 37.20 3.10 -11.53
N GLU B 77 37.50 2.03 -12.28
CA GLU B 77 38.12 0.82 -11.72
C GLU B 77 39.47 1.08 -11.01
N GLN B 78 40.40 1.80 -11.66
CA GLN B 78 41.72 2.09 -11.05
C GLN B 78 41.65 3.01 -9.84
N PHE B 79 40.76 4.00 -9.89
CA PHE B 79 40.45 4.87 -8.76
C PHE B 79 40.12 4.09 -7.47
N VAL B 80 39.29 3.05 -7.55
CA VAL B 80 38.92 2.34 -6.33
C VAL B 80 40.16 1.65 -5.72
N ALA B 81 41.01 1.01 -6.56
CA ALA B 81 42.21 0.34 -6.11
C ALA B 81 43.13 1.31 -5.42
N GLN B 82 43.32 2.47 -6.02
CA GLN B 82 44.23 3.49 -5.50
C GLN B 82 43.72 4.10 -4.20
N ALA B 83 42.41 4.32 -4.12
CA ALA B 83 41.77 4.88 -2.91
C ALA B 83 41.95 3.93 -1.75
N GLY B 84 41.73 2.64 -2.00
CA GLY B 84 41.95 1.58 -1.03
C GLY B 84 43.39 1.50 -0.49
N LYS B 85 44.36 1.62 -1.40
CA LYS B 85 45.80 1.66 -1.02
C LYS B 85 46.09 2.79 -0.07
N LEU B 86 45.46 3.93 -0.30
CA LEU B 86 45.69 5.13 0.47
C LEU B 86 45.22 4.98 1.87
N MET B 87 44.07 4.34 2.03
CA MET B 87 43.43 4.23 3.33
C MET B 87 43.74 2.93 4.04
N GLY B 88 44.24 1.94 3.31
CA GLY B 88 44.47 0.63 3.91
C GLY B 88 43.17 -0.16 4.06
N GLY B 89 42.28 -0.01 3.08
CA GLY B 89 40.99 -0.67 3.05
C GLY B 89 39.89 0.31 2.66
N LEU B 90 38.65 -0.17 2.76
CA LEU B 90 37.46 0.58 2.44
C LEU B 90 36.28 0.07 3.28
N ASP B 91 35.55 0.99 3.95
CA ASP B 91 34.37 0.62 4.74
C ASP B 91 33.08 1.05 4.08
N MET B 92 33.14 2.13 3.28
CA MET B 92 31.95 2.74 2.65
C MET B 92 32.29 3.40 1.32
N LEU B 93 31.46 3.08 0.33
CA LEU B 93 31.61 3.61 -1.01
C LEU B 93 30.39 4.51 -1.18
N ILE B 94 30.63 5.81 -1.26
CA ILE B 94 29.52 6.73 -1.47
C ILE B 94 29.51 7.19 -2.93
N LEU B 95 28.49 6.73 -3.65
CA LEU B 95 28.34 6.97 -5.09
C LEU B 95 27.39 8.12 -5.29
N ASN B 96 27.97 9.26 -5.68
CA ASN B 96 27.25 10.53 -5.67
C ASN B 96 27.29 11.33 -7.00
N HIS B 97 28.37 11.17 -7.78
CA HIS B 97 28.55 11.88 -9.05
C HIS B 97 27.44 11.66 -10.05
N ILE B 98 27.20 12.66 -10.92
CA ILE B 98 26.40 12.48 -12.15
C ILE B 98 27.08 13.27 -13.27
N THR B 99 26.60 13.10 -14.49
CA THR B 99 27.00 13.93 -15.60
C THR B 99 26.17 15.21 -15.51
N ASN B 100 26.73 16.35 -15.94
CA ASN B 100 26.02 17.64 -15.89
C ASN B 100 24.74 17.51 -16.69
N THR B 101 23.65 17.98 -16.09
CA THR B 101 22.32 17.86 -16.64
C THR B 101 21.63 19.19 -16.44
N SER B 102 20.75 19.55 -17.36
CA SER B 102 19.94 20.72 -17.16
C SER B 102 18.47 20.28 -17.37
N LEU B 103 17.52 21.14 -17.06
CA LEU B 103 16.12 20.88 -17.29
C LEU B 103 15.77 21.17 -18.73
N ASN B 104 15.16 20.18 -19.40
CA ASN B 104 14.78 20.28 -20.80
C ASN B 104 13.84 19.17 -21.19
N LEU B 105 12.90 19.48 -22.09
CA LEU B 105 12.06 18.44 -22.65
C LEU B 105 12.92 17.52 -23.47
N PHE B 106 12.56 16.24 -23.50
CA PHE B 106 13.30 15.34 -24.37
C PHE B 106 13.01 15.68 -25.85
N HIS B 107 14.02 15.54 -26.71
CA HIS B 107 13.72 15.55 -28.17
C HIS B 107 14.35 14.44 -29.03
N ASP B 108 15.66 14.34 -28.97
CA ASP B 108 16.37 13.52 -29.89
C ASP B 108 17.73 13.24 -29.29
N ASP B 109 17.98 13.79 -28.09
CA ASP B 109 19.32 13.81 -27.47
C ASP B 109 19.83 12.45 -26.96
N ILE B 110 20.03 11.54 -27.90
CA ILE B 110 20.53 10.20 -27.61
C ILE B 110 21.91 10.25 -26.98
N HIS B 111 22.76 11.20 -27.39
CA HIS B 111 24.06 11.42 -26.74
C HIS B 111 23.90 11.60 -25.23
N HIS B 112 23.04 12.54 -24.84
CA HIS B 112 22.71 12.78 -23.44
C HIS B 112 22.11 11.56 -22.74
N VAL B 113 21.24 10.81 -23.43
CA VAL B 113 20.66 9.61 -22.83
C VAL B 113 21.77 8.59 -22.53
N ARG B 114 22.60 8.31 -23.52
CA ARG B 114 23.76 7.43 -23.32
C ARG B 114 24.72 7.92 -22.25
N LYS B 115 25.01 9.21 -22.22
CA LYS B 115 26.01 9.75 -21.31
C LYS B 115 25.50 9.70 -19.89
N SER B 116 24.20 9.89 -19.73
CA SER B 116 23.55 9.74 -18.43
C SER B 116 23.62 8.31 -17.94
N MET B 117 23.28 7.32 -18.80
CA MET B 117 23.37 5.91 -18.40
C MET B 117 24.81 5.47 -18.09
N GLU B 118 25.78 6.03 -18.80
CA GLU B 118 27.17 5.65 -18.62
C GLU B 118 27.73 6.20 -17.33
N VAL B 119 27.53 7.48 -17.12
CA VAL B 119 28.13 8.13 -15.97
C VAL B 119 27.27 7.87 -14.70
N ASN B 120 25.98 8.17 -14.78
CA ASN B 120 25.06 8.08 -13.63
C ASN B 120 24.75 6.67 -13.18
N PHE B 121 24.89 5.66 -14.05
CA PHE B 121 24.57 4.28 -13.70
C PHE B 121 25.70 3.28 -13.91
N LEU B 122 26.19 3.09 -15.15
CA LEU B 122 27.24 2.08 -15.38
C LEU B 122 28.53 2.30 -14.57
N SER B 123 29.03 3.53 -14.53
CA SER B 123 30.20 3.82 -13.70
C SER B 123 30.00 3.38 -12.24
N TYR B 124 28.79 3.54 -11.73
CA TYR B 124 28.45 3.10 -10.39
C TYR B 124 28.58 1.59 -10.23
N VAL B 125 28.19 0.83 -11.26
CA VAL B 125 28.36 -0.63 -11.26
C VAL B 125 29.86 -1.00 -11.32
N VAL B 126 30.60 -0.32 -12.19
CA VAL B 126 32.05 -0.60 -12.31
C VAL B 126 32.76 -0.33 -10.96
N LEU B 127 32.41 0.79 -10.32
CA LEU B 127 32.99 1.15 -9.02
C LEU B 127 32.67 0.10 -7.96
N THR B 128 31.43 -0.35 -7.95
CA THR B 128 30.96 -1.35 -6.98
C THR B 128 31.76 -2.67 -7.15
N VAL B 129 31.93 -3.11 -8.40
CA VAL B 129 32.72 -4.31 -8.73
C VAL B 129 34.18 -4.16 -8.22
N ALA B 130 34.79 -2.99 -8.43
CA ALA B 130 36.17 -2.77 -7.97
C ALA B 130 36.30 -2.78 -6.45
N ALA B 131 35.27 -2.24 -5.77
CA ALA B 131 35.23 -2.01 -4.35
C ALA B 131 34.74 -3.23 -3.55
N LEU B 132 34.00 -4.14 -4.18
CA LEU B 132 33.44 -5.32 -3.48
C LEU B 132 34.42 -6.18 -2.68
N PRO B 133 35.57 -6.61 -3.24
CA PRO B 133 36.52 -7.33 -2.37
C PRO B 133 36.89 -6.60 -1.08
N MET B 134 37.14 -5.29 -1.13
CA MET B 134 37.47 -4.59 0.13
C MET B 134 36.22 -4.51 1.02
N LEU B 135 35.06 -4.24 0.42
CA LEU B 135 33.81 -4.11 1.16
C LEU B 135 33.38 -5.44 1.79
N LYS B 136 33.58 -6.56 1.09
CA LYS B 136 33.32 -7.89 1.69
C LYS B 136 34.20 -8.15 2.92
N GLN B 137 35.48 -7.85 2.80
CA GLN B 137 36.41 -8.03 3.91
C GLN B 137 36.08 -7.17 5.13
N SER B 138 35.59 -5.94 4.93
CA SER B 138 35.28 -5.08 6.06
C SER B 138 33.78 -5.12 6.46
N ASN B 139 32.97 -5.95 5.79
CA ASN B 139 31.52 -5.98 5.95
C ASN B 139 30.98 -4.54 5.84
N GLY B 140 31.38 -3.88 4.74
CA GLY B 140 31.13 -2.46 4.57
C GLY B 140 29.79 -2.07 3.94
N SER B 141 29.73 -0.86 3.35
CA SER B 141 28.46 -0.26 2.93
C SER B 141 28.57 0.48 1.61
N ILE B 142 27.55 0.35 0.78
CA ILE B 142 27.47 1.12 -0.44
C ILE B 142 26.32 2.10 -0.30
N VAL B 143 26.56 3.36 -0.60
CA VAL B 143 25.57 4.39 -0.51
C VAL B 143 25.41 4.98 -1.90
N VAL B 144 24.22 4.78 -2.46
CA VAL B 144 23.83 5.18 -3.79
C VAL B 144 22.97 6.41 -3.73
N VAL B 145 23.48 7.54 -4.27
CA VAL B 145 22.69 8.79 -4.25
C VAL B 145 21.76 8.79 -5.44
N SER B 146 20.45 8.79 -5.13
CA SER B 146 19.43 8.81 -6.17
C SER B 146 18.57 10.08 -6.05
N SER B 147 17.31 10.01 -6.48
CA SER B 147 16.47 11.19 -6.50
C SER B 147 15.03 10.72 -6.42
N LEU B 148 14.13 11.65 -6.13
CA LEU B 148 12.68 11.48 -6.21
C LEU B 148 12.27 11.16 -7.67
N ALA B 149 13.03 11.71 -8.61
CA ALA B 149 12.91 11.38 -10.05
C ALA B 149 13.38 9.99 -10.41
N GLY B 150 13.96 9.28 -9.43
CA GLY B 150 14.39 7.89 -9.54
C GLY B 150 13.38 6.91 -8.95
N LYS B 151 12.24 7.44 -8.51
CA LYS B 151 11.14 6.69 -7.85
C LYS B 151 9.79 7.04 -8.46
N VAL B 152 9.70 8.24 -9.04
CA VAL B 152 8.42 8.81 -9.45
C VAL B 152 8.71 9.62 -10.74
N ALA B 153 7.68 9.88 -11.54
CA ALA B 153 7.84 10.57 -12.83
C ALA B 153 7.63 12.10 -12.78
N TYR B 154 8.63 12.85 -13.25
CA TYR B 154 8.54 14.30 -13.43
C TYR B 154 8.91 14.66 -14.87
N PRO B 155 8.35 15.75 -15.42
CA PRO B 155 8.84 16.15 -16.73
C PRO B 155 10.23 16.81 -16.66
N LEU B 156 10.89 16.95 -17.83
CA LEU B 156 12.17 17.67 -18.02
C LEU B 156 13.44 16.98 -17.55
N VAL B 157 13.34 15.71 -17.15
CA VAL B 157 14.47 14.92 -16.66
C VAL B 157 14.41 13.45 -17.13
N ALA B 158 14.05 13.21 -18.39
CA ALA B 158 13.80 11.82 -18.84
C ALA B 158 15.04 10.92 -18.70
N ALA B 159 16.15 11.37 -19.29
CA ALA B 159 17.40 10.60 -19.30
C ALA B 159 17.92 10.44 -17.88
N TYR B 160 17.94 11.55 -17.13
CA TYR B 160 18.34 11.53 -15.71
C TYR B 160 17.49 10.49 -14.90
N SER B 161 16.18 10.55 -15.07
CA SER B 161 15.23 9.73 -14.38
C SER B 161 15.46 8.25 -14.73
N ALA B 162 15.78 7.99 -16.00
CA ALA B 162 16.10 6.69 -16.50
C ALA B 162 17.35 6.12 -15.81
N SER B 163 18.39 6.93 -15.69
CA SER B 163 19.62 6.53 -15.04
C SER B 163 19.44 6.24 -13.54
N LYS B 164 18.60 7.06 -12.89
CA LYS B 164 18.29 6.93 -11.43
C LYS B 164 17.38 5.75 -11.17
N PHE B 165 16.42 5.52 -12.07
CA PHE B 165 15.53 4.36 -11.93
C PHE B 165 16.36 3.08 -12.05
N ALA B 166 17.34 3.09 -12.96
CA ALA B 166 18.20 1.92 -13.20
C ALA B 166 19.01 1.56 -11.93
N LEU B 167 19.49 2.58 -11.22
CA LEU B 167 20.19 2.38 -9.95
C LEU B 167 19.31 1.58 -8.97
N ASP B 168 18.03 1.94 -8.83
CA ASP B 168 17.12 1.24 -7.91
C ASP B 168 17.02 -0.24 -8.30
N GLY B 169 16.68 -0.50 -9.56
CA GLY B 169 16.48 -1.88 -9.99
C GLY B 169 17.76 -2.68 -9.85
N PHE B 170 18.92 -2.07 -10.18
CA PHE B 170 20.15 -2.81 -10.09
C PHE B 170 20.53 -3.12 -8.64
N PHE B 171 20.61 -2.09 -7.82
CA PHE B 171 21.19 -2.19 -6.47
C PHE B 171 20.21 -2.90 -5.51
N SER B 172 18.90 -2.69 -5.72
CA SER B 172 17.88 -3.40 -4.93
C SER B 172 17.89 -4.89 -5.29
N SER B 173 18.13 -5.20 -6.57
CA SER B 173 18.19 -6.59 -7.01
C SER B 173 19.43 -7.30 -6.45
N ILE B 174 20.58 -6.63 -6.49
CA ILE B 174 21.83 -7.05 -5.79
C ILE B 174 21.65 -7.18 -4.27
N ARG B 175 20.86 -6.28 -3.68
CA ARG B 175 20.55 -6.36 -2.24
C ARG B 175 19.87 -7.71 -1.91
N LYS B 176 18.96 -8.15 -2.78
CA LYS B 176 18.27 -9.41 -2.58
C LYS B 176 19.27 -10.56 -2.68
N GLU B 177 20.17 -10.46 -3.67
CA GLU B 177 21.22 -11.42 -3.95
C GLU B 177 22.18 -11.59 -2.75
N TYR B 178 22.47 -10.49 -2.04
CA TYR B 178 23.31 -10.52 -0.86
C TYR B 178 22.64 -11.23 0.30
N SER B 179 21.30 -11.19 0.38
CA SER B 179 20.63 -12.05 1.37
C SER B 179 20.61 -13.54 0.93
N VAL B 180 20.98 -13.86 -0.30
CA VAL B 180 21.11 -15.28 -0.64
C VAL B 180 22.56 -15.76 -0.54
N SER B 181 23.51 -14.94 -0.97
CA SER B 181 24.92 -15.27 -0.85
C SER B 181 25.48 -14.90 0.54
N ARG B 182 24.69 -14.15 1.32
CA ARG B 182 25.04 -13.64 2.66
C ARG B 182 26.26 -12.76 2.69
N VAL B 183 26.43 -11.96 1.65
CA VAL B 183 27.50 -11.00 1.60
C VAL B 183 27.12 -9.85 2.56
N ASN B 184 27.99 -9.53 3.51
CA ASN B 184 27.61 -8.49 4.51
C ASN B 184 27.95 -7.07 3.99
N VAL B 185 27.40 -6.72 2.83
CA VAL B 185 27.52 -5.35 2.33
C VAL B 185 26.13 -4.76 2.25
N SER B 186 25.91 -3.70 3.02
CA SER B 186 24.66 -2.97 3.01
C SER B 186 24.55 -2.07 1.76
N ILE B 187 23.33 -1.90 1.27
CA ILE B 187 23.06 -1.02 0.14
C ILE B 187 21.97 -0.04 0.57
N THR B 188 22.33 1.24 0.60
CA THR B 188 21.41 2.32 0.97
C THR B 188 21.13 3.21 -0.24
N LEU B 189 19.87 3.18 -0.70
CA LEU B 189 19.45 4.03 -1.81
C LEU B 189 18.87 5.35 -1.27
N CYS B 190 19.50 6.49 -1.57
CA CYS B 190 19.07 7.74 -0.97
C CYS B 190 18.18 8.49 -1.98
N VAL B 191 16.91 8.60 -1.65
CA VAL B 191 15.89 9.20 -2.50
C VAL B 191 15.73 10.69 -2.14
N LEU B 192 16.39 11.56 -2.89
CA LEU B 192 16.38 12.99 -2.53
C LEU B 192 15.43 13.85 -3.36
N GLY B 193 14.81 14.83 -2.68
CA GLY B 193 14.03 15.90 -3.27
C GLY B 193 14.98 16.99 -3.75
N LEU B 194 14.44 18.16 -4.08
CA LEU B 194 15.28 19.26 -4.61
C LEU B 194 16.18 19.72 -3.48
N ILE B 195 17.46 19.89 -3.78
CA ILE B 195 18.48 20.21 -2.78
C ILE B 195 19.15 21.50 -3.21
N ASP B 196 19.34 22.42 -2.26
CA ASP B 196 19.83 23.79 -2.57
C ASP B 196 21.27 23.88 -3.06
N THR B 197 21.77 22.87 -3.79
CA THR B 197 23.13 22.95 -4.32
C THR B 197 23.19 24.06 -5.42
N GLU B 198 24.36 24.62 -5.64
CA GLU B 198 24.52 25.67 -6.66
C GLU B 198 24.07 25.20 -8.06
N THR B 199 24.42 23.96 -8.42
CA THR B 199 24.01 23.40 -9.71
C THR B 199 22.48 23.41 -9.91
N ALA B 200 21.78 22.92 -8.91
CA ALA B 200 20.34 22.77 -8.92
C ALA B 200 19.61 24.11 -8.89
N MET B 201 20.05 25.03 -8.00
CA MET B 201 19.42 26.37 -7.89
C MET B 201 19.51 27.13 -9.23
N LYS B 202 20.60 26.93 -9.98
CA LYS B 202 20.77 27.50 -11.33
C LYS B 202 19.85 26.83 -12.36
N ALA B 203 19.88 25.50 -12.38
CA ALA B 203 19.11 24.73 -13.31
C ALA B 203 17.60 24.95 -13.20
N VAL B 204 17.15 25.29 -12.01
CA VAL B 204 15.74 25.37 -11.69
C VAL B 204 15.13 26.76 -11.93
N SER B 205 15.93 27.84 -11.89
CA SER B 205 15.36 29.20 -12.00
C SER B 205 14.60 29.52 -13.29
N GLY B 206 13.29 29.73 -13.12
CA GLY B 206 12.39 30.14 -14.20
C GLY B 206 11.72 28.99 -14.91
N ILE B 207 12.02 27.76 -14.48
CA ILE B 207 11.45 26.57 -15.09
C ILE B 207 10.56 25.87 -14.07
N VAL B 208 11.05 25.72 -12.85
CA VAL B 208 10.29 25.00 -11.83
C VAL B 208 10.25 25.73 -10.49
N HIS B 209 9.12 25.62 -9.79
CA HIS B 209 8.89 26.30 -8.53
C HIS B 209 8.72 25.26 -7.42
N MET B 210 9.83 24.88 -6.80
CA MET B 210 9.85 23.86 -5.74
C MET B 210 10.74 24.33 -4.61
N GLN B 211 10.31 24.10 -3.39
CA GLN B 211 11.13 24.40 -2.22
C GLN B 211 12.36 23.46 -2.19
N ALA B 212 13.56 24.03 -2.13
CA ALA B 212 14.79 23.25 -2.03
C ALA B 212 15.10 22.95 -0.57
N ALA B 213 15.71 21.80 -0.28
CA ALA B 213 16.16 21.47 1.09
C ALA B 213 17.68 21.74 1.24
N PRO B 214 18.17 22.06 2.48
CA PRO B 214 19.62 22.38 2.58
C PRO B 214 20.58 21.21 2.32
N LYS B 215 21.64 21.47 1.55
CA LYS B 215 22.61 20.46 1.18
C LYS B 215 23.40 19.89 2.35
N GLU B 216 23.59 20.68 3.41
CA GLU B 216 24.41 20.24 4.55
C GLU B 216 23.69 19.18 5.38
N GLU B 217 22.42 19.42 5.63
CA GLU B 217 21.61 18.53 6.41
C GLU B 217 21.21 17.30 5.57
N CYS B 218 21.07 17.51 4.24
CA CYS B 218 20.87 16.40 3.31
C CYS B 218 22.05 15.43 3.39
N ALA B 219 23.26 15.97 3.45
CA ALA B 219 24.51 15.21 3.47
C ALA B 219 24.62 14.38 4.75
N LEU B 220 24.30 15.03 5.88
CA LEU B 220 24.27 14.36 7.17
C LEU B 220 23.31 13.19 7.17
N GLU B 221 22.12 13.37 6.59
CA GLU B 221 21.08 12.34 6.53
C GLU B 221 21.49 11.11 5.70
N ILE B 222 22.27 11.35 4.66
CA ILE B 222 22.81 10.27 3.81
C ILE B 222 23.84 9.44 4.57
N ILE B 223 24.71 10.15 5.32
CA ILE B 223 25.71 9.52 6.20
C ILE B 223 25.06 8.73 7.33
N LYS B 224 24.08 9.36 8.02
CA LYS B 224 23.31 8.66 9.06
C LYS B 224 22.75 7.35 8.53
N GLY B 225 22.01 7.45 7.43
CA GLY B 225 21.36 6.29 6.82
C GLY B 225 22.34 5.19 6.50
N GLY B 226 23.44 5.56 5.82
CA GLY B 226 24.52 4.65 5.47
C GLY B 226 25.16 3.99 6.67
N ALA B 227 25.46 4.76 7.71
CA ALA B 227 26.12 4.23 8.90
C ALA B 227 25.21 3.19 9.55
N LEU B 228 23.91 3.49 9.58
CA LEU B 228 22.94 2.65 10.18
C LEU B 228 22.51 1.54 9.24
N ARG B 229 23.19 1.43 8.09
CA ARG B 229 22.93 0.34 7.13
C ARG B 229 21.46 0.24 6.74
N GLN B 230 20.80 1.39 6.57
CA GLN B 230 19.39 1.42 6.19
C GLN B 230 19.26 1.16 4.71
N GLU B 231 18.12 0.58 4.31
CA GLU B 231 17.92 0.26 2.91
C GLU B 231 17.63 1.51 2.09
N GLU B 232 16.81 2.42 2.60
CA GLU B 232 16.52 3.65 1.90
C GLU B 232 16.56 4.83 2.86
N VAL B 233 17.03 5.97 2.36
CA VAL B 233 17.03 7.25 3.09
C VAL B 233 16.15 8.13 2.23
N TYR B 234 15.27 8.91 2.86
CA TYR B 234 14.39 9.83 2.13
C TYR B 234 14.68 11.24 2.63
N TYR B 235 14.96 12.14 1.70
CA TYR B 235 15.25 13.51 2.09
C TYR B 235 14.63 14.47 1.10
N ASP B 236 13.62 15.18 1.62
CA ASP B 236 12.86 16.19 0.91
C ASP B 236 12.33 17.24 1.91
N SER B 237 12.03 18.44 1.40
CA SER B 237 11.53 19.52 2.26
C SER B 237 10.08 19.29 2.72
N SER B 238 9.30 18.48 2.00
CA SER B 238 7.88 18.25 2.34
C SER B 238 7.72 17.02 3.24
N ARG B 239 7.00 17.16 4.34
CA ARG B 239 6.75 15.98 5.20
C ARG B 239 5.73 15.04 4.55
N TRP B 240 4.98 15.58 3.58
CA TRP B 240 4.09 14.76 2.76
C TRP B 240 4.86 13.79 1.88
N THR B 241 5.77 14.32 1.06
CA THR B 241 6.47 13.49 0.12
C THR B 241 7.23 12.37 0.83
N THR B 242 7.75 12.66 2.03
CA THR B 242 8.47 11.64 2.79
C THR B 242 7.55 10.44 3.13
N LEU B 243 6.25 10.70 3.31
CA LEU B 243 5.26 9.64 3.58
C LEU B 243 4.83 8.88 2.34
N LEU B 244 4.58 9.62 1.27
CA LEU B 244 4.18 9.03 -0.01
C LEU B 244 5.31 8.27 -0.75
N ILE B 245 6.57 8.51 -0.37
CA ILE B 245 7.69 7.90 -1.10
C ILE B 245 7.96 6.43 -0.72
N ARG B 246 7.58 6.02 0.49
CA ARG B 246 7.62 4.58 0.84
C ARG B 246 6.59 3.76 0.03
N ASN B 247 6.96 2.53 -0.30
CA ASN B 247 6.19 1.63 -1.18
C ASN B 247 6.02 0.25 -0.50
N PRO B 248 5.09 0.16 0.46
CA PRO B 248 4.93 -1.09 1.22
C PRO B 248 4.46 -2.27 0.40
N SER B 249 3.68 -2.04 -0.65
CA SER B 249 3.22 -3.16 -1.45
C SER B 249 4.37 -3.78 -2.27
N ARG B 250 5.37 -2.95 -2.63
CA ARG B 250 6.61 -3.42 -3.24
C ARG B 250 7.33 -4.40 -2.29
N LYS B 251 7.54 -3.99 -1.05
CA LYS B 251 8.18 -4.89 -0.07
C LYS B 251 7.37 -6.18 0.16
N ILE B 252 6.05 -6.09 0.16
CA ILE B 252 5.20 -7.27 0.34
C ILE B 252 5.39 -8.24 -0.82
N LEU B 253 5.41 -7.70 -2.03
CA LEU B 253 5.56 -8.47 -3.25
C LEU B 253 6.94 -9.14 -3.30
N GLU B 254 7.94 -8.45 -2.73
CA GLU B 254 9.31 -8.93 -2.72
C GLU B 254 9.44 -10.14 -1.78
N GLU B 255 8.90 -10.01 -0.56
CA GLU B 255 8.95 -11.08 0.44
C GLU B 255 8.09 -12.28 0.07
N LEU B 256 6.95 -12.03 -0.57
CA LEU B 256 6.03 -13.07 -1.00
C LEU B 256 6.70 -13.94 -2.07
N TYR B 257 7.67 -13.39 -2.79
CA TYR B 257 8.34 -14.11 -3.88
C TYR B 257 9.73 -14.60 -3.51
N SER B 258 10.24 -14.10 -2.38
CA SER B 258 11.58 -14.46 -1.89
C SER B 258 11.76 -15.97 -1.60
N THR B 259 10.69 -16.66 -1.25
CA THR B 259 10.75 -18.10 -1.00
C THR B 259 10.43 -18.96 -2.21
N SER B 260 10.09 -18.31 -3.32
CA SER B 260 9.69 -19.03 -4.54
C SER B 260 10.85 -19.52 -5.40
N TYR B 261 12.05 -19.13 -5.01
CA TYR B 261 13.27 -19.56 -5.66
C TYR B 261 13.83 -20.75 -4.92
N ASN B 262 14.57 -21.60 -5.64
CA ASN B 262 15.36 -22.67 -5.04
CA ASN B 262 15.36 -22.61 -4.98
C ASN B 262 16.84 -22.30 -5.08
N MET B 263 17.36 -21.72 -3.99
CA MET B 263 18.73 -21.22 -3.99
C MET B 263 19.86 -22.25 -3.86
N ASP B 264 19.53 -23.54 -3.74
CA ASP B 264 20.51 -24.60 -3.47
C ASP B 264 21.73 -24.48 -4.38
N ARG B 265 21.49 -24.39 -5.69
CA ARG B 265 22.58 -24.31 -6.65
C ARG B 265 23.42 -23.03 -6.46
N PHE B 266 22.79 -21.95 -5.98
CA PHE B 266 23.46 -20.65 -5.80
C PHE B 266 24.24 -20.50 -4.49
N ILE B 267 23.94 -21.37 -3.52
CA ILE B 267 24.50 -21.28 -2.18
C ILE B 267 25.51 -22.38 -1.86
N ASN B 268 25.49 -23.49 -2.61
CA ASN B 268 26.44 -24.61 -2.38
C ASN B 268 27.86 -24.24 -2.82
N GLU C 3 15.81 -4.52 20.90
CA GLU C 3 15.07 -3.27 21.30
C GLU C 3 14.34 -3.47 22.62
N PHE C 4 13.45 -4.46 22.66
CA PHE C 4 12.77 -4.89 23.90
C PHE C 4 13.71 -5.55 24.91
N ARG C 5 13.49 -5.24 26.18
CA ARG C 5 14.18 -5.92 27.27
C ARG C 5 13.17 -6.33 28.35
N PRO C 6 13.23 -7.57 28.88
CA PRO C 6 12.29 -8.01 29.94
C PRO C 6 12.25 -7.06 31.14
N GLU C 7 13.37 -6.36 31.37
CA GLU C 7 13.47 -5.37 32.44
C GLU C 7 12.54 -4.16 32.24
N MET C 8 12.03 -3.97 31.02
CA MET C 8 11.04 -2.88 30.76
C MET C 8 9.74 -3.06 31.54
N LEU C 9 9.52 -4.25 32.07
CA LEU C 9 8.32 -4.60 32.81
C LEU C 9 8.61 -4.85 34.26
N GLN C 10 9.89 -4.79 34.66
CA GLN C 10 10.27 -4.96 36.06
C GLN C 10 9.61 -3.90 36.97
N GLY C 11 8.87 -4.36 37.98
CA GLY C 11 8.14 -3.44 38.90
C GLY C 11 7.00 -2.64 38.29
N LYS C 12 6.66 -2.93 37.04
CA LYS C 12 5.54 -2.27 36.42
C LYS C 12 4.23 -2.78 37.00
N LYS C 13 3.19 -1.94 36.95
CA LYS C 13 1.88 -2.28 37.49
C LYS C 13 0.91 -2.50 36.30
N VAL C 14 0.54 -3.75 36.08
CA VAL C 14 -0.22 -4.14 34.91
C VAL C 14 -1.52 -4.86 35.30
N ILE C 15 -2.64 -4.37 34.75
CA ILE C 15 -3.92 -5.08 34.82
C ILE C 15 -4.01 -6.02 33.60
N VAL C 16 -4.39 -7.29 33.80
CA VAL C 16 -4.72 -8.14 32.67
C VAL C 16 -6.19 -8.58 32.82
N THR C 17 -7.04 -8.26 31.83
CA THR C 17 -8.40 -8.80 31.87
C THR C 17 -8.47 -10.15 31.15
N GLY C 18 -9.54 -10.92 31.38
CA GLY C 18 -9.63 -12.25 30.78
C GLY C 18 -8.39 -13.10 31.03
N ALA C 19 -7.88 -13.04 32.26
CA ALA C 19 -6.59 -13.64 32.57
C ALA C 19 -6.63 -14.97 33.32
N SER C 20 -7.78 -15.62 33.37
CA SER C 20 -7.93 -16.98 33.97
C SER C 20 -7.52 -18.13 33.05
N LYS C 21 -7.60 -17.90 31.73
CA LYS C 21 -7.16 -18.91 30.77
C LYS C 21 -6.59 -18.32 29.48
N GLY C 22 -6.11 -19.18 28.57
CA GLY C 22 -5.69 -18.75 27.23
C GLY C 22 -4.57 -17.69 27.22
N ILE C 23 -4.69 -16.71 26.33
CA ILE C 23 -3.66 -15.71 26.10
C ILE C 23 -3.51 -14.82 27.36
N GLY C 24 -4.63 -14.50 28.00
CA GLY C 24 -4.64 -13.66 29.19
C GLY C 24 -3.80 -14.22 30.30
N ARG C 25 -3.94 -15.53 30.55
CA ARG C 25 -3.22 -16.26 31.58
C ARG C 25 -1.73 -16.28 31.22
N GLU C 26 -1.44 -16.64 29.97
CA GLU C 26 -0.06 -16.61 29.43
C GLU C 26 0.60 -15.27 29.59
N MET C 27 -0.14 -14.20 29.32
CA MET C 27 0.35 -12.82 29.52
C MET C 27 0.73 -12.56 30.99
N ALA C 28 -0.15 -12.94 31.91
CA ALA C 28 0.10 -12.75 33.34
C ALA C 28 1.39 -13.45 33.77
N TYR C 29 1.59 -14.67 33.27
CA TYR C 29 2.76 -15.51 33.57
C TYR C 29 4.07 -14.93 33.00
N HIS C 30 4.04 -14.45 31.76
CA HIS C 30 5.18 -13.73 31.19
C HIS C 30 5.48 -12.48 32.06
N LEU C 31 4.43 -11.75 32.46
CA LEU C 31 4.64 -10.55 33.28
C LEU C 31 5.23 -10.88 34.63
N ALA C 32 4.77 -11.99 35.18
CA ALA C 32 5.28 -12.54 36.40
C ALA C 32 6.78 -12.86 36.28
N LYS C 33 7.16 -13.55 35.20
CA LYS C 33 8.56 -13.91 34.91
C LYS C 33 9.48 -12.69 34.79
N MET C 34 8.89 -11.55 34.43
CA MET C 34 9.60 -10.28 34.21
C MET C 34 9.58 -9.43 35.49
N GLY C 35 8.94 -9.94 36.53
CA GLY C 35 8.96 -9.30 37.83
C GLY C 35 7.98 -8.15 37.92
N ALA C 36 6.82 -8.26 37.27
CA ALA C 36 5.83 -7.18 37.30
C ALA C 36 4.86 -7.35 38.44
N HIS C 37 4.28 -6.24 38.89
CA HIS C 37 3.11 -6.26 39.76
C HIS C 37 1.88 -6.50 38.86
N VAL C 38 1.04 -7.50 39.19
CA VAL C 38 -0.12 -7.82 38.34
C VAL C 38 -1.40 -7.94 39.12
N VAL C 39 -2.49 -7.45 38.52
CA VAL C 39 -3.85 -7.75 38.96
C VAL C 39 -4.58 -8.36 37.75
N VAL C 40 -4.92 -9.64 37.88
CA VAL C 40 -5.71 -10.39 36.90
C VAL C 40 -7.23 -10.39 37.15
N THR C 41 -8.03 -10.45 36.09
CA THR C 41 -9.47 -10.51 36.27
C THR C 41 -10.19 -11.41 35.29
N ALA C 42 -11.25 -12.06 35.80
CA ALA C 42 -12.14 -12.97 35.07
C ALA C 42 -13.37 -13.21 35.96
N ARG C 43 -14.32 -14.05 35.56
CA ARG C 43 -15.47 -14.36 36.42
C ARG C 43 -15.10 -15.43 37.49
N SER C 44 -14.25 -16.38 37.14
CA SER C 44 -13.98 -17.51 38.02
C SER C 44 -12.96 -17.23 39.15
N LYS C 45 -13.43 -17.10 40.39
CA LYS C 45 -12.53 -16.84 41.51
C LYS C 45 -11.51 -17.94 41.73
N GLU C 46 -11.96 -19.19 41.57
CA GLU C 46 -11.16 -20.39 41.77
C GLU C 46 -9.97 -20.41 40.84
N THR C 47 -10.27 -20.29 39.54
CA THR C 47 -9.27 -20.33 38.47
C THR C 47 -8.35 -19.14 38.59
N LEU C 48 -8.88 -17.97 38.96
CA LEU C 48 -8.07 -16.79 39.23
C LEU C 48 -7.08 -16.99 40.38
N GLN C 49 -7.47 -17.70 41.43
CA GLN C 49 -6.54 -17.97 42.54
C GLN C 49 -5.32 -18.80 42.10
N LYS C 50 -5.57 -19.84 41.31
CA LYS C 50 -4.51 -20.69 40.77
C LYS C 50 -3.56 -19.89 39.90
N VAL C 51 -4.09 -19.00 39.06
CA VAL C 51 -3.26 -18.09 38.26
C VAL C 51 -2.38 -17.20 39.16
N VAL C 52 -2.98 -16.56 40.16
CA VAL C 52 -2.28 -15.64 41.05
C VAL C 52 -1.13 -16.39 41.71
N SER C 53 -1.38 -17.62 42.16
CA SER C 53 -0.35 -18.41 42.82
C SER C 53 0.81 -18.74 41.90
N HIS C 54 0.48 -19.24 40.70
CA HIS C 54 1.50 -19.52 39.72
C HIS C 54 2.28 -18.27 39.29
N CYS C 55 1.65 -17.12 39.31
CA CYS C 55 2.36 -15.86 39.05
C CYS C 55 3.46 -15.60 40.09
N LEU C 56 3.16 -15.81 41.37
CA LEU C 56 4.18 -15.65 42.40
C LEU C 56 5.31 -16.70 42.29
N GLU C 57 4.96 -17.93 41.94
CA GLU C 57 5.94 -18.99 41.68
C GLU C 57 6.95 -18.63 40.55
N LEU C 58 6.45 -18.00 39.47
CA LEU C 58 7.29 -17.49 38.39
C LEU C 58 8.05 -16.21 38.76
N GLY C 59 7.67 -15.58 39.87
CA GLY C 59 8.45 -14.46 40.40
C GLY C 59 7.91 -13.07 40.23
N ALA C 60 6.58 -12.93 40.13
CA ALA C 60 5.97 -11.61 40.04
C ALA C 60 6.33 -10.76 41.27
N ALA C 61 6.41 -9.45 41.11
CA ALA C 61 6.66 -8.55 42.24
C ALA C 61 5.49 -8.67 43.23
N SER C 62 4.27 -8.62 42.73
CA SER C 62 3.04 -8.95 43.48
C SER C 62 2.03 -9.49 42.47
N ALA C 63 0.98 -10.15 42.95
CA ALA C 63 -0.08 -10.72 42.11
C ALA C 63 -1.37 -10.83 42.94
N HIS C 64 -2.48 -10.25 42.46
CA HIS C 64 -3.82 -10.30 43.12
C HIS C 64 -4.89 -10.46 42.03
N TYR C 65 -6.02 -11.03 42.39
CA TYR C 65 -7.16 -11.10 41.45
C TYR C 65 -8.36 -10.39 42.03
N ILE C 66 -9.23 -9.86 41.17
CA ILE C 66 -10.57 -9.33 41.54
C ILE C 66 -11.58 -9.96 40.57
N ALA C 67 -12.47 -10.83 41.07
CA ALA C 67 -13.43 -11.58 40.25
C ALA C 67 -14.69 -10.80 39.94
N GLY C 68 -15.19 -10.95 38.71
CA GLY C 68 -16.42 -10.25 38.31
C GLY C 68 -16.75 -10.44 36.84
N THR C 69 -17.91 -9.95 36.41
CA THR C 69 -18.29 -10.00 35.01
C THR C 69 -18.22 -8.62 34.31
N MET C 70 -17.57 -8.59 33.14
CA MET C 70 -17.51 -7.39 32.31
C MET C 70 -18.82 -7.09 31.56
N GLU C 71 -19.87 -7.87 31.84
CA GLU C 71 -21.24 -7.49 31.46
C GLU C 71 -21.68 -6.27 32.29
N ASP C 72 -21.20 -6.21 33.53
CA ASP C 72 -21.54 -5.19 34.51
C ASP C 72 -20.55 -4.01 34.48
N MET C 73 -21.00 -2.89 33.95
CA MET C 73 -20.18 -1.69 33.79
C MET C 73 -19.75 -1.08 35.10
N THR C 74 -20.54 -1.29 36.14
CA THR C 74 -20.20 -0.71 37.43
C THR C 74 -19.04 -1.57 37.98
N PHE C 75 -19.16 -2.89 37.83
CA PHE C 75 -18.03 -3.76 38.10
C PHE C 75 -16.76 -3.28 37.36
N ALA C 76 -16.86 -3.01 36.05
CA ALA C 76 -15.70 -2.67 35.23
C ALA C 76 -15.02 -1.42 35.76
N GLU C 77 -15.85 -0.44 36.12
CA GLU C 77 -15.40 0.84 36.66
C GLU C 77 -14.69 0.69 37.98
N GLN C 78 -15.29 -0.06 38.90
CA GLN C 78 -14.76 -0.23 40.26
C GLN C 78 -13.58 -1.17 40.27
N PHE C 79 -13.53 -2.07 39.27
CA PHE C 79 -12.41 -2.98 39.16
C PHE C 79 -11.08 -2.20 39.00
N VAL C 80 -11.10 -1.20 38.14
CA VAL C 80 -9.90 -0.41 37.84
C VAL C 80 -9.47 0.46 39.03
N ALA C 81 -10.45 0.86 39.86
CA ALA C 81 -10.19 1.66 41.06
C ALA C 81 -9.55 0.79 42.13
N GLN C 82 -10.11 -0.42 42.32
CA GLN C 82 -9.61 -1.42 43.26
C GLN C 82 -8.21 -1.90 42.94
N ALA C 83 -7.99 -2.28 41.67
CA ALA C 83 -6.72 -2.82 41.21
C ALA C 83 -5.65 -1.75 41.35
N GLY C 84 -6.00 -0.51 40.98
CA GLY C 84 -5.13 0.64 41.12
C GLY C 84 -4.64 0.82 42.53
N LYS C 85 -5.58 0.79 43.47
CA LYS C 85 -5.34 1.01 44.88
C LYS C 85 -4.45 -0.09 45.45
N LEU C 86 -4.65 -1.34 44.99
CA LEU C 86 -3.82 -2.48 45.40
C LEU C 86 -2.37 -2.38 44.93
N MET C 87 -2.17 -1.95 43.69
CA MET C 87 -0.80 -1.81 43.16
C MET C 87 -0.18 -0.45 43.48
N GLY C 88 -1.01 0.55 43.79
CA GLY C 88 -0.55 1.91 44.09
C GLY C 88 -0.30 2.72 42.82
N GLY C 89 -1.13 2.46 41.80
CA GLY C 89 -0.99 3.13 40.50
C GLY C 89 -1.16 2.11 39.39
N LEU C 90 -0.97 2.55 38.14
CA LEU C 90 -1.06 1.65 36.99
C LEU C 90 -0.16 2.14 35.85
N ASP C 91 0.69 1.24 35.38
CA ASP C 91 1.59 1.46 34.21
C ASP C 91 1.06 0.95 32.87
N MET C 92 0.28 -0.15 32.88
CA MET C 92 -0.20 -0.73 31.63
C MET C 92 -1.58 -1.39 31.79
N LEU C 93 -2.51 -1.04 30.89
CA LEU C 93 -3.86 -1.65 30.85
C LEU C 93 -4.03 -2.66 29.70
N ILE C 94 -4.04 -3.96 30.01
CA ILE C 94 -4.23 -4.98 28.97
C ILE C 94 -5.65 -5.50 28.95
N LEU C 95 -6.40 -5.06 27.93
CA LEU C 95 -7.80 -5.40 27.70
C LEU C 95 -7.88 -6.58 26.72
N ASN C 96 -8.27 -7.74 27.24
CA ASN C 96 -8.12 -9.01 26.54
C ASN C 96 -9.41 -9.90 26.57
N HIS C 97 -10.26 -9.71 27.58
CA HIS C 97 -11.48 -10.54 27.72
C HIS C 97 -12.46 -10.41 26.57
N ILE C 98 -13.20 -11.50 26.30
CA ILE C 98 -14.39 -11.53 25.43
C ILE C 98 -15.55 -12.36 26.04
N THR C 99 -16.78 -12.13 25.57
CA THR C 99 -17.90 -12.99 25.92
C THR C 99 -17.75 -14.30 25.15
N ASN C 100 -18.13 -15.43 25.75
CA ASN C 100 -18.04 -16.73 25.08
C ASN C 100 -18.75 -16.71 23.71
N THR C 101 -18.07 -17.26 22.71
CA THR C 101 -18.46 -17.19 21.29
C THR C 101 -18.08 -18.51 20.63
N SER C 102 -18.96 -19.04 19.77
CA SER C 102 -18.65 -20.23 18.95
C SER C 102 -18.78 -19.86 17.48
N LEU C 103 -18.20 -20.67 16.60
CA LEU C 103 -18.28 -20.42 15.17
C LEU C 103 -19.66 -20.84 14.64
N ASN C 104 -20.39 -19.87 14.11
CA ASN C 104 -21.75 -20.11 13.65
C ASN C 104 -22.19 -19.05 12.66
N LEU C 105 -22.98 -19.45 11.66
CA LEU C 105 -23.63 -18.54 10.73
C LEU C 105 -24.45 -17.57 11.55
N PHE C 106 -24.64 -16.34 11.07
CA PHE C 106 -25.56 -15.45 11.76
C PHE C 106 -26.99 -15.91 11.54
N HIS C 107 -27.68 -16.09 12.67
CA HIS C 107 -28.98 -16.73 12.73
C HIS C 107 -29.84 -15.93 13.73
N ASP C 108 -29.80 -14.61 13.57
CA ASP C 108 -30.72 -13.69 14.25
C ASP C 108 -30.61 -13.53 15.77
N ASP C 109 -29.49 -14.00 16.34
CA ASP C 109 -29.26 -13.91 17.77
C ASP C 109 -28.78 -12.50 18.17
N ILE C 110 -29.74 -11.57 18.25
CA ILE C 110 -29.57 -10.17 18.67
C ILE C 110 -28.93 -10.05 20.04
N HIS C 111 -29.32 -10.96 20.93
CA HIS C 111 -28.81 -11.08 22.28
C HIS C 111 -27.28 -11.24 22.22
N HIS C 112 -26.81 -12.15 21.38
CA HIS C 112 -25.37 -12.38 21.16
C HIS C 112 -24.68 -11.14 20.55
N VAL C 113 -25.35 -10.49 19.60
CA VAL C 113 -24.81 -9.25 19.02
C VAL C 113 -24.61 -8.15 20.08
N ARG C 114 -25.61 -7.96 20.95
CA ARG C 114 -25.56 -6.95 21.97
C ARG C 114 -24.57 -7.30 23.10
N LYS C 115 -24.58 -8.55 23.56
CA LYS C 115 -23.63 -9.04 24.57
C LYS C 115 -22.19 -8.92 24.06
N SER C 116 -21.98 -9.29 22.80
CA SER C 116 -20.66 -9.11 22.17
C SER C 116 -20.25 -7.64 22.23
N MET C 117 -21.13 -6.74 21.82
CA MET C 117 -20.75 -5.34 21.80
C MET C 117 -20.52 -4.85 23.22
N GLU C 118 -21.35 -5.31 24.13
CA GLU C 118 -21.29 -4.83 25.52
C GLU C 118 -19.98 -5.25 26.21
N VAL C 119 -19.70 -6.55 26.24
CA VAL C 119 -18.50 -7.12 26.88
C VAL C 119 -17.20 -6.89 26.03
N ASN C 120 -17.28 -7.13 24.74
CA ASN C 120 -16.07 -7.03 23.89
C ASN C 120 -15.66 -5.59 23.53
N PHE C 121 -16.59 -4.63 23.63
CA PHE C 121 -16.25 -3.26 23.20
C PHE C 121 -16.49 -2.20 24.28
N LEU C 122 -17.74 -2.08 24.77
CA LEU C 122 -18.13 -1.04 25.71
C LEU C 122 -17.36 -1.11 27.01
N SER C 123 -17.25 -2.32 27.54
CA SER C 123 -16.52 -2.58 28.77
C SER C 123 -15.07 -2.12 28.66
N TYR C 124 -14.51 -2.20 27.45
CA TYR C 124 -13.14 -1.78 27.20
C TYR C 124 -13.05 -0.23 27.27
N VAL C 125 -14.07 0.46 26.77
CA VAL C 125 -14.18 1.92 26.91
C VAL C 125 -14.36 2.28 28.39
N VAL C 126 -15.28 1.60 29.07
CA VAL C 126 -15.48 1.85 30.51
C VAL C 126 -14.17 1.64 31.30
N LEU C 127 -13.48 0.51 31.05
CA LEU C 127 -12.19 0.27 31.67
C LEU C 127 -11.16 1.37 31.36
N THR C 128 -11.18 1.91 30.13
CA THR C 128 -10.24 2.94 29.68
C THR C 128 -10.43 4.26 30.46
N VAL C 129 -11.68 4.69 30.55
CA VAL C 129 -12.12 5.93 31.21
C VAL C 129 -11.70 5.96 32.67
N ALA C 130 -11.89 4.83 33.37
CA ALA C 130 -11.49 4.64 34.74
C ALA C 130 -9.97 4.54 34.95
N ALA C 131 -9.26 3.99 33.97
CA ALA C 131 -7.79 3.83 34.03
C ALA C 131 -6.98 5.08 33.64
N LEU C 132 -7.58 5.94 32.83
CA LEU C 132 -6.84 7.06 32.24
C LEU C 132 -6.07 7.94 33.24
N PRO C 133 -6.73 8.41 34.35
CA PRO C 133 -6.01 9.28 35.26
C PRO C 133 -4.66 8.68 35.62
N MET C 134 -4.70 7.45 36.15
CA MET C 134 -3.49 6.70 36.54
C MET C 134 -2.48 6.52 35.41
N LEU C 135 -2.98 6.39 34.19
CA LEU C 135 -2.10 6.16 33.05
C LEU C 135 -1.41 7.47 32.64
N LYS C 136 -2.16 8.57 32.59
CA LYS C 136 -1.59 9.91 32.32
C LYS C 136 -0.41 10.18 33.26
N GLN C 137 -0.62 9.88 34.54
CA GLN C 137 0.37 9.97 35.61
C GLN C 137 1.65 9.19 35.36
N SER C 138 1.54 7.91 34.95
CA SER C 138 2.70 7.05 34.75
C SER C 138 3.27 7.06 33.31
N ASN C 139 2.72 7.94 32.47
CA ASN C 139 2.95 7.92 31.01
C ASN C 139 2.78 6.48 30.48
N GLY C 140 1.60 5.94 30.79
CA GLY C 140 1.31 4.50 30.65
C GLY C 140 0.92 4.07 29.26
N SER C 141 0.38 2.86 29.18
CA SER C 141 0.10 2.22 27.90
C SER C 141 -1.20 1.46 27.95
N ILE C 142 -2.03 1.63 26.93
CA ILE C 142 -3.23 0.81 26.73
C ILE C 142 -2.94 -0.29 25.68
N VAL C 143 -3.25 -1.55 26.04
CA VAL C 143 -3.08 -2.72 25.13
C VAL C 143 -4.45 -3.37 24.91
N VAL C 144 -4.88 -3.44 23.64
CA VAL C 144 -6.22 -3.83 23.28
C VAL C 144 -6.09 -5.06 22.40
N VAL C 145 -6.52 -6.20 22.92
CA VAL C 145 -6.39 -7.44 22.14
C VAL C 145 -7.51 -7.58 21.10
N SER C 146 -7.15 -7.58 19.84
CA SER C 146 -8.16 -7.71 18.78
C SER C 146 -7.88 -9.01 18.03
N SER C 147 -8.13 -9.02 16.71
CA SER C 147 -8.11 -10.22 15.91
C SER C 147 -7.96 -9.86 14.47
N LEU C 148 -7.43 -10.78 13.65
CA LEU C 148 -7.51 -10.59 12.21
C LEU C 148 -8.98 -10.34 11.75
N ALA C 149 -9.96 -10.97 12.41
CA ALA C 149 -11.40 -10.78 12.13
C ALA C 149 -11.88 -9.39 12.56
N GLY C 150 -10.97 -8.61 13.12
CA GLY C 150 -11.23 -7.23 13.46
C GLY C 150 -10.60 -6.24 12.47
N LYS C 151 -10.03 -6.79 11.38
CA LYS C 151 -9.43 -6.02 10.29
C LYS C 151 -9.94 -6.47 8.92
N VAL C 152 -10.44 -7.69 8.88
CA VAL C 152 -10.79 -8.41 7.66
C VAL C 152 -12.10 -9.21 7.91
N ALA C 153 -12.85 -9.54 6.86
CA ALA C 153 -14.13 -10.23 6.96
C ALA C 153 -14.00 -11.74 6.70
N TYR C 154 -14.45 -12.50 7.70
CA TYR C 154 -14.56 -13.96 7.67
C TYR C 154 -16.01 -14.38 7.95
N PRO C 155 -16.48 -15.48 7.34
CA PRO C 155 -17.78 -15.94 7.78
C PRO C 155 -17.72 -16.51 9.19
N LEU C 156 -18.89 -16.74 9.79
CA LEU C 156 -19.06 -17.42 11.09
C LEU C 156 -18.69 -16.63 12.33
N VAL C 157 -18.33 -15.34 12.16
CA VAL C 157 -17.86 -14.52 13.27
C VAL C 157 -18.44 -13.10 13.21
N ALA C 158 -19.68 -12.98 12.71
CA ALA C 158 -20.24 -11.65 12.43
C ALA C 158 -20.36 -10.72 13.66
N ALA C 159 -21.00 -11.18 14.72
CA ALA C 159 -21.13 -10.38 15.95
C ALA C 159 -19.74 -10.09 16.58
N TYR C 160 -18.88 -11.10 16.61
CA TYR C 160 -17.52 -10.96 17.16
C TYR C 160 -16.73 -9.92 16.35
N SER C 161 -16.75 -10.11 15.04
CA SER C 161 -16.02 -9.28 14.12
C SER C 161 -16.47 -7.78 14.21
N ALA C 162 -17.78 -7.53 14.31
CA ALA C 162 -18.33 -6.18 14.50
C ALA C 162 -17.79 -5.55 15.77
N SER C 163 -17.64 -6.36 16.82
CA SER C 163 -17.20 -5.84 18.12
C SER C 163 -15.68 -5.54 18.13
N LYS C 164 -14.95 -6.35 17.35
CA LYS C 164 -13.50 -6.19 17.17
C LYS C 164 -13.15 -5.01 16.27
N PHE C 165 -13.89 -4.85 15.17
CA PHE C 165 -13.76 -3.70 14.28
C PHE C 165 -14.04 -2.39 15.03
N ALA C 166 -15.02 -2.43 15.93
CA ALA C 166 -15.40 -1.28 16.76
C ALA C 166 -14.24 -0.76 17.63
N LEU C 167 -13.55 -1.69 18.28
CA LEU C 167 -12.35 -1.41 19.03
C LEU C 167 -11.34 -0.60 18.25
N ASP C 168 -11.15 -0.93 16.96
CA ASP C 168 -10.20 -0.28 16.05
C ASP C 168 -10.67 1.15 15.73
N GLY C 169 -11.94 1.28 15.35
CA GLY C 169 -12.55 2.58 15.20
C GLY C 169 -12.38 3.46 16.43
N PHE C 170 -12.76 2.94 17.61
CA PHE C 170 -12.72 3.77 18.78
C PHE C 170 -11.28 4.07 19.25
N PHE C 171 -10.49 3.04 19.47
CA PHE C 171 -9.13 3.20 19.92
C PHE C 171 -8.17 3.87 18.93
N SER C 172 -8.37 3.65 17.62
CA SER C 172 -7.55 4.39 16.65
C SER C 172 -7.90 5.90 16.59
N SER C 173 -9.18 6.23 16.73
CA SER C 173 -9.64 7.62 16.76
C SER C 173 -9.11 8.29 18.00
N ILE C 174 -9.35 7.70 19.17
CA ILE C 174 -8.76 8.19 20.41
C ILE C 174 -7.24 8.51 20.29
N ARG C 175 -6.49 7.61 19.69
CA ARG C 175 -5.02 7.72 19.55
C ARG C 175 -4.59 8.96 18.73
N LYS C 176 -5.42 9.34 17.76
CA LYS C 176 -5.21 10.55 16.97
C LYS C 176 -5.41 11.76 17.86
N GLU C 177 -6.40 11.65 18.78
CA GLU C 177 -6.77 12.69 19.70
C GLU C 177 -5.71 12.89 20.77
N TYR C 178 -5.08 11.81 21.21
CA TYR C 178 -3.99 11.89 22.17
C TYR C 178 -2.73 12.50 21.57
N SER C 179 -2.48 12.24 20.27
CA SER C 179 -1.35 12.83 19.57
C SER C 179 -1.59 14.32 19.28
N VAL C 180 -2.84 14.77 19.44
CA VAL C 180 -3.15 16.18 19.23
C VAL C 180 -3.17 16.97 20.54
N SER C 181 -3.70 16.39 21.61
CA SER C 181 -3.74 17.06 22.89
C SER C 181 -2.56 16.60 23.77
N ARG C 182 -1.51 16.12 23.10
CA ARG C 182 -0.27 15.67 23.74
C ARG C 182 -0.50 14.84 25.02
N VAL C 183 -1.24 13.74 24.90
CA VAL C 183 -1.44 12.82 26.02
C VAL C 183 -0.45 11.66 25.84
N ASN C 184 0.46 11.50 26.80
CA ASN C 184 1.57 10.54 26.67
C ASN C 184 1.19 9.10 27.09
N VAL C 185 0.12 8.62 26.49
CA VAL C 185 -0.41 7.27 26.73
C VAL C 185 -0.54 6.55 25.38
N SER C 186 0.18 5.44 25.25
CA SER C 186 0.18 4.66 24.02
C SER C 186 -1.01 3.72 23.91
N ILE C 187 -1.46 3.53 22.68
CA ILE C 187 -2.54 2.63 22.36
C ILE C 187 -2.03 1.58 21.40
N THR C 188 -1.96 0.34 21.88
CA THR C 188 -1.51 -0.82 21.10
C THR C 188 -2.66 -1.76 20.71
N LEU C 189 -3.01 -1.80 19.44
CA LEU C 189 -4.06 -2.70 18.96
C LEU C 189 -3.39 -3.98 18.50
N CYS C 190 -3.80 -5.13 18.99
CA CYS C 190 -3.09 -6.36 18.66
C CYS C 190 -3.96 -7.18 17.74
N VAL C 191 -3.45 -7.36 16.52
CA VAL C 191 -4.16 -8.07 15.46
C VAL C 191 -3.66 -9.54 15.42
N LEU C 192 -4.46 -10.46 15.98
CA LEU C 192 -4.07 -11.88 16.11
C LEU C 192 -4.83 -12.81 15.19
N GLY C 193 -4.09 -13.70 14.56
CA GLY C 193 -4.64 -14.76 13.73
C GLY C 193 -5.08 -15.87 14.67
N LEU C 194 -5.33 -17.08 14.15
CA LEU C 194 -5.79 -18.16 15.01
C LEU C 194 -4.66 -18.58 15.96
N ILE C 195 -5.00 -18.66 17.25
CA ILE C 195 -4.08 -19.00 18.38
C ILE C 195 -4.59 -20.25 19.08
N ASP C 196 -3.67 -21.16 19.43
CA ASP C 196 -4.02 -22.50 19.91
C ASP C 196 -4.55 -22.58 21.36
N THR C 197 -5.30 -21.58 21.83
CA THR C 197 -5.93 -21.67 23.17
C THR C 197 -6.96 -22.80 23.15
N GLU C 198 -7.28 -23.37 24.30
CA GLU C 198 -8.22 -24.52 24.35
C GLU C 198 -9.60 -24.11 23.81
N THR C 199 -10.02 -22.90 24.17
CA THR C 199 -11.25 -22.29 23.68
C THR C 199 -11.30 -22.27 22.16
N ALA C 200 -10.23 -21.78 21.53
CA ALA C 200 -10.17 -21.67 20.11
C ALA C 200 -10.11 -23.02 19.46
N MET C 201 -9.36 -23.94 20.07
CA MET C 201 -9.16 -25.26 19.45
C MET C 201 -10.48 -26.04 19.43
N LYS C 202 -11.22 -25.99 20.55
CA LYS C 202 -12.55 -26.59 20.66
C LYS C 202 -13.53 -26.00 19.64
N ALA C 203 -13.53 -24.67 19.51
CA ALA C 203 -14.54 -23.98 18.68
C ALA C 203 -14.35 -24.24 17.20
N VAL C 204 -13.11 -24.43 16.85
CA VAL C 204 -12.66 -24.53 15.49
C VAL C 204 -12.72 -25.93 14.89
N SER C 205 -12.50 -26.97 15.68
CA SER C 205 -12.40 -28.32 15.11
C SER C 205 -13.76 -28.74 14.64
N GLY C 206 -13.77 -29.28 13.42
CA GLY C 206 -15.00 -29.68 12.75
C GLY C 206 -15.48 -28.65 11.76
N ILE C 207 -14.96 -27.42 11.87
CA ILE C 207 -15.41 -26.31 11.04
C ILE C 207 -14.27 -25.76 10.18
N VAL C 208 -13.13 -25.44 10.79
CA VAL C 208 -12.09 -24.76 10.03
C VAL C 208 -10.73 -25.48 10.03
N HIS C 209 -10.05 -25.46 8.88
CA HIS C 209 -8.83 -26.23 8.71
C HIS C 209 -7.67 -25.24 8.59
N MET C 210 -7.01 -24.98 9.72
CA MET C 210 -6.16 -23.80 9.86
C MET C 210 -5.09 -23.97 10.93
N GLN C 211 -3.87 -23.57 10.59
CA GLN C 211 -2.74 -23.61 11.51
C GLN C 211 -2.86 -22.51 12.61
N ALA C 212 -2.74 -22.94 13.86
CA ALA C 212 -2.91 -22.07 15.02
C ALA C 212 -1.59 -21.82 15.70
N ALA C 213 -1.26 -20.55 15.91
CA ALA C 213 0.01 -20.17 16.50
C ALA C 213 0.00 -20.38 18.02
N PRO C 214 1.18 -20.53 18.67
CA PRO C 214 1.21 -20.79 20.12
C PRO C 214 0.86 -19.59 21.00
N LYS C 215 0.07 -19.86 22.03
CA LYS C 215 -0.49 -18.84 22.91
C LYS C 215 0.59 -18.18 23.77
N GLU C 216 1.59 -18.97 24.17
CA GLU C 216 2.72 -18.54 24.99
C GLU C 216 3.50 -17.44 24.26
N GLU C 217 3.79 -17.67 22.97
CA GLU C 217 4.44 -16.64 22.14
C GLU C 217 3.55 -15.48 21.71
N CYS C 218 2.28 -15.74 21.55
CA CYS C 218 1.31 -14.71 21.22
C CYS C 218 1.31 -13.68 22.33
N ALA C 219 1.28 -14.18 23.58
CA ALA C 219 1.21 -13.38 24.79
C ALA C 219 2.42 -12.46 24.95
N LEU C 220 3.60 -13.01 24.69
CA LEU C 220 4.85 -12.24 24.77
C LEU C 220 4.92 -11.17 23.63
N GLU C 221 4.47 -11.52 22.42
CA GLU C 221 4.49 -10.50 21.35
C GLU C 221 3.58 -9.30 21.64
N ILE C 222 2.53 -9.53 22.43
CA ILE C 222 1.61 -8.50 22.86
C ILE C 222 2.28 -7.56 23.89
N ILE C 223 2.85 -8.14 24.93
CA ILE C 223 3.56 -7.42 25.99
C ILE C 223 4.71 -6.57 25.41
N LYS C 224 5.51 -7.18 24.55
CA LYS C 224 6.57 -6.50 23.81
C LYS C 224 6.07 -5.26 23.07
N GLY C 225 5.06 -5.42 22.21
CA GLY C 225 4.48 -4.27 21.47
C GLY C 225 3.96 -3.17 22.37
N GLY C 226 3.37 -3.56 23.49
CA GLY C 226 2.91 -2.61 24.50
C GLY C 226 4.07 -1.90 25.16
N ALA C 227 5.06 -2.66 25.58
CA ALA C 227 6.28 -2.11 26.19
C ALA C 227 6.90 -1.12 25.23
N LEU C 228 7.04 -1.51 23.97
CA LEU C 228 7.65 -0.63 22.94
C LEU C 228 6.70 0.43 22.40
N ARG C 229 5.49 0.55 22.98
CA ARG C 229 4.54 1.61 22.62
C ARG C 229 4.19 1.55 21.09
N GLN C 230 4.15 0.33 20.55
CA GLN C 230 3.76 0.13 19.17
C GLN C 230 2.27 0.38 19.03
N GLU C 231 1.87 0.99 17.91
CA GLU C 231 0.48 1.23 17.58
C GLU C 231 -0.31 -0.04 17.30
N GLU C 232 0.31 -0.95 16.54
CA GLU C 232 -0.28 -2.23 16.19
C GLU C 232 0.76 -3.32 16.39
N VAL C 233 0.29 -4.46 16.87
CA VAL C 233 1.04 -5.70 16.94
C VAL C 233 0.42 -6.64 15.91
N TYR C 234 1.26 -7.40 15.21
CA TYR C 234 0.75 -8.37 14.24
C TYR C 234 1.25 -9.73 14.67
N TYR C 235 0.35 -10.72 14.78
CA TYR C 235 0.77 -12.09 15.12
C TYR C 235 -0.11 -13.17 14.49
N ASP C 236 0.56 -14.06 13.75
CA ASP C 236 -0.08 -15.14 13.01
C ASP C 236 0.92 -16.20 12.68
N SER C 237 0.47 -17.45 12.49
CA SER C 237 1.40 -18.55 12.25
C SER C 237 2.05 -18.47 10.88
N SER C 238 1.45 -17.69 9.99
CA SER C 238 2.00 -17.49 8.64
C SER C 238 2.63 -16.14 8.43
N ARG C 239 3.82 -16.17 7.86
CA ARG C 239 4.55 -14.95 7.59
C ARG C 239 3.84 -14.11 6.53
N TRP C 240 3.30 -14.78 5.50
CA TRP C 240 2.49 -14.12 4.46
C TRP C 240 1.45 -13.21 5.11
N THR C 241 0.60 -13.82 5.93
CA THR C 241 -0.54 -13.12 6.49
C THR C 241 -0.08 -12.06 7.49
N THR C 242 1.06 -12.29 8.15
CA THR C 242 1.57 -11.29 9.11
C THR C 242 1.84 -10.00 8.38
N LEU C 243 2.46 -10.10 7.20
CA LEU C 243 2.80 -8.95 6.37
C LEU C 243 1.62 -8.22 5.76
N LEU C 244 0.63 -8.99 5.31
CA LEU C 244 -0.48 -8.46 4.54
C LEU C 244 -1.43 -7.62 5.38
N ILE C 245 -1.38 -7.83 6.69
CA ILE C 245 -2.34 -7.22 7.59
C ILE C 245 -2.13 -5.73 7.75
N ARG C 246 -0.92 -5.24 7.48
CA ARG C 246 -0.63 -3.80 7.42
C ARG C 246 -1.56 -3.02 6.47
N ASN C 247 -2.09 -1.90 6.93
CA ASN C 247 -2.79 -0.98 6.02
C ASN C 247 -2.05 0.36 5.83
N PRO C 248 -1.09 0.36 4.90
CA PRO C 248 -0.28 1.54 4.62
C PRO C 248 -1.14 2.70 4.11
N SER C 249 -2.00 2.44 3.14
CA SER C 249 -2.77 3.49 2.49
C SER C 249 -3.80 4.10 3.43
N ARG C 250 -4.18 3.35 4.46
CA ARG C 250 -4.97 3.92 5.55
C ARG C 250 -4.21 5.04 6.29
N LYS C 251 -2.94 4.81 6.63
CA LYS C 251 -2.13 5.79 7.36
C LYS C 251 -1.96 7.05 6.54
N ILE C 252 -1.80 6.89 5.22
CA ILE C 252 -1.66 8.01 4.28
C ILE C 252 -2.94 8.83 4.34
N LEU C 253 -4.06 8.13 4.28
CA LEU C 253 -5.36 8.74 4.31
C LEU C 253 -5.58 9.46 5.64
N GLU C 254 -5.13 8.88 6.74
CA GLU C 254 -5.31 9.51 8.07
C GLU C 254 -4.61 10.88 8.11
N GLU C 255 -3.43 10.97 7.51
CA GLU C 255 -2.69 12.23 7.45
C GLU C 255 -3.30 13.26 6.47
N LEU C 256 -4.02 12.78 5.45
CA LEU C 256 -4.65 13.66 4.46
C LEU C 256 -5.83 14.47 5.02
N TYR C 257 -6.00 14.44 6.35
CA TYR C 257 -7.02 15.22 7.04
C TYR C 257 -6.45 15.88 8.31
N SER C 258 -5.44 15.23 8.89
CA SER C 258 -4.79 15.70 10.10
C SER C 258 -4.09 17.04 9.85
N GLU D 3 -23.88 0.79 -16.94
CA GLU D 3 -24.76 -0.39 -16.64
C GLU D 3 -26.10 0.05 -16.07
N PHE D 4 -26.11 1.07 -15.19
CA PHE D 4 -27.31 1.49 -14.44
C PHE D 4 -28.42 2.15 -15.27
N ARG D 5 -29.63 1.63 -15.14
CA ARG D 5 -30.80 2.31 -15.68
C ARG D 5 -31.71 2.70 -14.51
N PRO D 6 -32.39 3.86 -14.61
CA PRO D 6 -33.30 4.23 -13.52
C PRO D 6 -34.56 3.33 -13.49
N GLU D 7 -34.76 2.55 -14.55
CA GLU D 7 -35.88 1.62 -14.64
C GLU D 7 -35.67 0.42 -13.74
N MET D 8 -34.44 0.24 -13.27
CA MET D 8 -34.09 -0.81 -12.31
C MET D 8 -34.81 -0.63 -10.97
N LEU D 9 -35.21 0.60 -10.66
CA LEU D 9 -35.97 0.93 -9.43
C LEU D 9 -37.51 1.13 -9.58
N GLN D 10 -38.02 1.06 -10.82
CA GLN D 10 -39.45 1.21 -11.07
C GLN D 10 -40.23 0.07 -10.40
N GLY D 11 -41.18 0.45 -9.55
CA GLY D 11 -42.06 -0.50 -8.83
C GLY D 11 -41.37 -1.27 -7.71
N LYS D 12 -40.16 -0.83 -7.34
CA LYS D 12 -39.34 -1.48 -6.31
C LYS D 12 -39.69 -1.00 -4.91
N LYS D 13 -39.67 -1.93 -3.95
CA LYS D 13 -40.13 -1.60 -2.60
C LYS D 13 -38.93 -1.30 -1.72
N VAL D 14 -38.78 -0.03 -1.39
CA VAL D 14 -37.58 0.42 -0.71
C VAL D 14 -37.89 1.09 0.64
N ILE D 15 -37.15 0.70 1.68
CA ILE D 15 -37.23 1.35 2.98
C ILE D 15 -36.05 2.30 3.01
N VAL D 16 -36.24 3.48 3.56
CA VAL D 16 -35.14 4.42 3.69
C VAL D 16 -35.28 5.05 5.07
N THR D 17 -34.31 4.76 5.95
CA THR D 17 -34.32 5.29 7.29
C THR D 17 -33.54 6.60 7.27
N GLY D 18 -33.60 7.35 8.37
CA GLY D 18 -32.95 8.67 8.45
C GLY D 18 -33.31 9.52 7.25
N ALA D 19 -34.59 9.51 6.88
CA ALA D 19 -35.05 10.01 5.58
C ALA D 19 -35.81 11.35 5.60
N SER D 20 -35.84 12.02 6.76
CA SER D 20 -36.55 13.30 6.92
C SER D 20 -35.69 14.48 6.42
N LYS D 21 -34.36 14.29 6.48
CA LYS D 21 -33.39 15.27 5.99
C LYS D 21 -32.14 14.63 5.32
N GLY D 22 -31.15 15.47 5.04
CA GLY D 22 -29.86 15.10 4.46
C GLY D 22 -29.83 14.10 3.35
N ILE D 23 -28.87 13.18 3.40
CA ILE D 23 -28.73 12.14 2.38
C ILE D 23 -29.96 11.23 2.31
N GLY D 24 -30.53 10.90 3.47
CA GLY D 24 -31.75 10.07 3.49
C GLY D 24 -32.85 10.63 2.60
N ARG D 25 -33.13 11.92 2.77
CA ARG D 25 -34.20 12.61 2.04
C ARG D 25 -33.96 12.58 0.54
N GLU D 26 -32.73 12.85 0.13
CA GLU D 26 -32.35 12.88 -1.29
C GLU D 26 -32.53 11.51 -1.93
N MET D 27 -32.13 10.47 -1.21
CA MET D 27 -32.35 9.12 -1.69
C MET D 27 -33.83 8.88 -1.90
N ALA D 28 -34.66 9.28 -0.94
CA ALA D 28 -36.12 9.09 -1.06
C ALA D 28 -36.63 9.82 -2.30
N TYR D 29 -36.08 11.02 -2.55
CA TYR D 29 -36.47 11.84 -3.71
C TYR D 29 -36.07 11.17 -5.02
N HIS D 30 -34.81 10.75 -5.13
CA HIS D 30 -34.37 9.99 -6.31
C HIS D 30 -35.24 8.75 -6.54
N LEU D 31 -35.63 8.07 -5.46
CA LEU D 31 -36.37 6.82 -5.59
C LEU D 31 -37.76 7.11 -6.13
N ALA D 32 -38.34 8.21 -5.62
CA ALA D 32 -39.63 8.70 -6.08
C ALA D 32 -39.59 8.93 -7.58
N LYS D 33 -38.54 9.58 -8.07
CA LYS D 33 -38.41 9.98 -9.47
C LYS D 33 -38.32 8.77 -10.39
N MET D 34 -37.74 7.70 -9.86
CA MET D 34 -37.62 6.45 -10.61
C MET D 34 -38.88 5.59 -10.49
N GLY D 35 -39.86 6.09 -9.75
CA GLY D 35 -41.14 5.40 -9.62
C GLY D 35 -41.15 4.20 -8.69
N ALA D 36 -40.33 4.25 -7.64
CA ALA D 36 -40.31 3.21 -6.62
C ALA D 36 -41.42 3.45 -5.58
N HIS D 37 -41.75 2.39 -4.83
CA HIS D 37 -42.50 2.50 -3.58
C HIS D 37 -41.49 2.77 -2.46
N VAL D 38 -41.79 3.73 -1.59
CA VAL D 38 -40.87 4.02 -0.51
C VAL D 38 -41.59 4.11 0.83
N VAL D 39 -40.90 3.68 1.88
CA VAL D 39 -41.37 3.92 3.22
C VAL D 39 -40.24 4.56 3.96
N VAL D 40 -40.49 5.78 4.41
CA VAL D 40 -39.49 6.59 5.04
C VAL D 40 -39.71 6.67 6.54
N THR D 41 -38.62 6.83 7.30
CA THR D 41 -38.72 6.86 8.76
C THR D 41 -37.72 7.86 9.33
N ALA D 42 -38.08 8.42 10.47
CA ALA D 42 -37.23 9.26 11.31
C ALA D 42 -38.07 9.55 12.56
N ARG D 43 -37.61 10.35 13.51
CA ARG D 43 -38.41 10.56 14.72
C ARG D 43 -39.47 11.62 14.48
N SER D 44 -39.13 12.62 13.66
CA SER D 44 -39.97 13.79 13.41
C SER D 44 -40.98 13.53 12.29
N LYS D 45 -42.23 13.28 12.66
CA LYS D 45 -43.28 12.95 11.69
C LYS D 45 -43.79 14.18 10.91
N GLU D 46 -43.46 15.37 11.40
CA GLU D 46 -43.79 16.61 10.71
C GLU D 46 -42.94 16.73 9.44
N THR D 47 -41.62 16.58 9.63
CA THR D 47 -40.66 16.65 8.53
C THR D 47 -40.81 15.45 7.59
N LEU D 48 -41.29 14.32 8.13
CA LEU D 48 -41.51 13.13 7.32
C LEU D 48 -42.68 13.35 6.39
N GLN D 49 -43.68 14.12 6.85
CA GLN D 49 -44.88 14.45 6.07
C GLN D 49 -44.52 15.22 4.80
N LYS D 50 -43.62 16.20 4.94
CA LYS D 50 -43.12 17.02 3.83
C LYS D 50 -42.41 16.15 2.81
N VAL D 51 -41.59 15.21 3.29
CA VAL D 51 -40.90 14.27 2.39
C VAL D 51 -41.87 13.35 1.63
N VAL D 52 -42.77 12.70 2.36
CA VAL D 52 -43.77 11.84 1.73
C VAL D 52 -44.52 12.57 0.60
N SER D 53 -45.08 13.73 0.94
CA SER D 53 -45.82 14.59 -0.03
C SER D 53 -44.97 14.95 -1.25
N HIS D 54 -43.77 15.47 -0.99
CA HIS D 54 -42.86 15.76 -2.08
C HIS D 54 -42.39 14.52 -2.87
N CYS D 55 -42.37 13.33 -2.23
CA CYS D 55 -42.11 12.06 -2.95
C CYS D 55 -43.27 11.71 -3.88
N LEU D 56 -44.50 11.88 -3.38
CA LEU D 56 -45.68 11.67 -4.22
C LEU D 56 -45.58 12.57 -5.44
N GLU D 57 -45.28 13.85 -5.17
CA GLU D 57 -45.14 14.90 -6.17
C GLU D 57 -44.06 14.58 -7.24
N LEU D 58 -42.96 13.92 -6.84
CA LEU D 58 -41.91 13.53 -7.80
C LEU D 58 -42.24 12.31 -8.67
N GLY D 59 -43.38 11.66 -8.41
CA GLY D 59 -43.83 10.49 -9.20
C GLY D 59 -43.66 9.10 -8.59
N ALA D 60 -43.54 9.03 -7.26
CA ALA D 60 -43.43 7.74 -6.56
C ALA D 60 -44.71 6.91 -6.63
N ALA D 61 -44.55 5.61 -6.94
CA ALA D 61 -45.64 4.63 -7.03
C ALA D 61 -46.52 4.55 -5.77
N SER D 62 -45.88 4.81 -4.61
CA SER D 62 -46.54 5.04 -3.33
C SER D 62 -45.44 5.51 -2.41
N ALA D 63 -45.80 6.31 -1.40
CA ALA D 63 -44.87 6.80 -0.38
C ALA D 63 -45.63 6.95 0.93
N HIS D 64 -45.04 6.40 2.00
CA HIS D 64 -45.64 6.39 3.33
C HIS D 64 -44.54 6.69 4.35
N TYR D 65 -44.89 7.22 5.50
CA TYR D 65 -43.90 7.38 6.59
C TYR D 65 -44.32 6.66 7.87
N ILE D 66 -43.33 6.26 8.67
CA ILE D 66 -43.56 5.78 10.02
C ILE D 66 -42.51 6.42 10.92
N ALA D 67 -42.97 7.11 11.94
CA ALA D 67 -42.07 7.84 12.84
C ALA D 67 -41.74 7.05 14.12
N GLY D 68 -40.54 7.26 14.64
CA GLY D 68 -40.06 6.58 15.85
C GLY D 68 -38.56 6.69 16.00
N THR D 69 -38.05 6.43 17.21
CA THR D 69 -36.62 6.49 17.45
C THR D 69 -35.97 5.12 17.26
N MET D 70 -34.83 5.09 16.58
CA MET D 70 -34.10 3.83 16.38
C MET D 70 -33.26 3.50 17.63
N GLU D 71 -33.44 4.29 18.70
CA GLU D 71 -32.97 3.95 20.06
C GLU D 71 -33.83 2.79 20.58
N ASP D 72 -35.01 2.65 19.99
CA ASP D 72 -35.97 1.63 20.37
C ASP D 72 -35.94 0.42 19.44
N MET D 73 -35.38 -0.68 19.92
CA MET D 73 -35.20 -1.89 19.12
C MET D 73 -36.56 -2.52 18.78
N THR D 74 -37.54 -2.36 19.68
CA THR D 74 -38.89 -2.86 19.40
C THR D 74 -39.57 -2.03 18.31
N PHE D 75 -39.37 -0.71 18.33
CA PHE D 75 -39.80 0.14 17.22
C PHE D 75 -39.14 -0.32 15.92
N ALA D 76 -37.82 -0.49 15.97
CA ALA D 76 -37.03 -0.91 14.81
C ALA D 76 -37.57 -2.18 14.19
N GLU D 77 -37.93 -3.14 15.04
CA GLU D 77 -38.41 -4.45 14.58
C GLU D 77 -39.81 -4.30 13.97
N GLN D 78 -40.63 -3.54 14.70
CA GLN D 78 -42.01 -3.22 14.33
C GLN D 78 -42.08 -2.46 13.00
N PHE D 79 -41.19 -1.48 12.82
CA PHE D 79 -41.21 -0.65 11.62
C PHE D 79 -41.17 -1.46 10.31
N VAL D 80 -40.24 -2.39 10.21
CA VAL D 80 -40.09 -3.23 9.01
C VAL D 80 -41.35 -4.08 8.73
N ALA D 81 -42.01 -4.55 9.79
CA ALA D 81 -43.21 -5.33 9.65
C ALA D 81 -44.31 -4.47 9.01
N GLN D 82 -44.49 -3.30 9.62
CA GLN D 82 -45.46 -2.30 9.18
C GLN D 82 -45.13 -1.77 7.80
N ALA D 83 -43.85 -1.48 7.54
CA ALA D 83 -43.39 -1.00 6.22
C ALA D 83 -43.58 -2.05 5.17
N GLY D 84 -43.23 -3.29 5.49
CA GLY D 84 -43.42 -4.42 4.58
C GLY D 84 -44.88 -4.70 4.26
N LYS D 85 -45.76 -4.55 5.26
CA LYS D 85 -47.23 -4.67 5.04
C LYS D 85 -47.75 -3.57 4.11
N LEU D 86 -47.33 -2.32 4.33
CA LEU D 86 -47.73 -1.15 3.49
C LEU D 86 -47.43 -1.35 1.99
N MET D 87 -46.18 -1.65 1.68
CA MET D 87 -45.76 -1.92 0.29
C MET D 87 -46.07 -3.31 -0.23
N GLY D 88 -46.50 -4.23 0.63
CA GLY D 88 -46.75 -5.62 0.18
C GLY D 88 -45.46 -6.34 -0.23
N GLY D 89 -44.40 -6.20 0.58
CA GLY D 89 -43.09 -6.77 0.28
C GLY D 89 -41.96 -5.78 0.49
N LEU D 90 -40.74 -6.18 0.09
CA LEU D 90 -39.53 -5.37 0.20
C LEU D 90 -38.39 -5.83 -0.75
N ASP D 91 -37.84 -4.87 -1.48
CA ASP D 91 -36.72 -5.10 -2.42
C ASP D 91 -35.40 -4.56 -1.96
N MET D 92 -35.42 -3.45 -1.22
CA MET D 92 -34.18 -2.81 -0.80
C MET D 92 -34.37 -2.12 0.54
N LEU D 93 -33.38 -2.32 1.44
CA LEU D 93 -33.37 -1.78 2.79
C LEU D 93 -32.22 -0.80 2.86
N ILE D 94 -32.51 0.49 2.92
CA ILE D 94 -31.47 1.50 2.97
C ILE D 94 -31.31 2.00 4.41
N LEU D 95 -30.22 1.57 5.02
CA LEU D 95 -29.92 1.88 6.40
C LEU D 95 -29.02 3.11 6.45
N ASN D 96 -29.61 4.25 6.85
CA ASN D 96 -28.96 5.54 6.73
C ASN D 96 -28.92 6.37 8.00
N HIS D 97 -29.83 6.12 8.94
CA HIS D 97 -29.94 6.98 10.14
C HIS D 97 -28.74 6.92 11.05
N ILE D 98 -28.51 8.01 11.77
CA ILE D 98 -27.54 8.02 12.84
C ILE D 98 -28.10 8.81 14.01
N THR D 99 -27.51 8.66 15.21
CA THR D 99 -27.83 9.51 16.33
C THR D 99 -27.08 10.83 16.20
N ASN D 100 -27.59 11.91 16.83
CA ASN D 100 -27.00 13.23 16.65
C ASN D 100 -25.61 13.23 17.25
N THR D 101 -24.64 13.65 16.44
CA THR D 101 -23.21 13.57 16.76
C THR D 101 -22.59 14.94 16.45
N SER D 102 -21.70 15.42 17.30
CA SER D 102 -20.96 16.65 17.00
C SER D 102 -19.44 16.39 16.96
N LEU D 103 -18.68 17.28 16.34
CA LEU D 103 -17.24 17.10 16.26
C LEU D 103 -16.65 17.57 17.56
N ASN D 104 -16.09 16.66 18.33
CA ASN D 104 -15.53 16.98 19.64
C ASN D 104 -14.68 15.83 20.11
N LEU D 105 -13.66 16.13 20.90
CA LEU D 105 -12.79 15.10 21.49
C LEU D 105 -13.59 14.23 22.47
N PHE D 106 -13.18 12.97 22.67
CA PHE D 106 -13.84 12.03 23.59
C PHE D 106 -13.73 12.56 25.00
N HIS D 107 -14.85 12.58 25.69
CA HIS D 107 -14.90 13.23 26.99
C HIS D 107 -15.59 12.36 28.01
N ASP D 108 -15.37 11.05 27.90
CA ASP D 108 -15.77 10.08 28.90
C ASP D 108 -17.27 9.84 28.99
N ASP D 109 -17.97 10.09 27.89
CA ASP D 109 -19.43 10.00 27.84
C ASP D 109 -19.87 8.63 27.33
N ILE D 110 -19.88 7.67 28.25
CA ILE D 110 -20.35 6.31 27.97
C ILE D 110 -21.79 6.28 27.41
N HIS D 111 -22.62 7.26 27.76
CA HIS D 111 -24.00 7.28 27.29
C HIS D 111 -24.02 7.54 25.83
N HIS D 112 -23.18 8.48 25.39
CA HIS D 112 -23.03 8.80 23.97
C HIS D 112 -22.36 7.66 23.20
N VAL D 113 -21.36 7.01 23.79
CA VAL D 113 -20.78 5.81 23.13
C VAL D 113 -21.85 4.70 22.99
N ARG D 114 -22.59 4.41 24.05
CA ARG D 114 -23.63 3.34 23.99
C ARG D 114 -24.80 3.74 23.07
N LYS D 115 -25.22 4.99 23.15
CA LYS D 115 -26.24 5.48 22.24
C LYS D 115 -25.81 5.35 20.80
N SER D 116 -24.57 5.79 20.50
CA SER D 116 -23.98 5.65 19.18
C SER D 116 -23.99 4.19 18.69
N MET D 117 -23.53 3.26 19.54
CA MET D 117 -23.58 1.83 19.21
C MET D 117 -24.99 1.31 18.97
N GLU D 118 -25.94 1.69 19.82
CA GLU D 118 -27.32 1.23 19.73
C GLU D 118 -28.04 1.77 18.47
N VAL D 119 -28.02 3.07 18.26
CA VAL D 119 -28.68 3.69 17.10
C VAL D 119 -27.96 3.47 15.77
N ASN D 120 -26.63 3.62 15.75
CA ASN D 120 -25.89 3.56 14.48
C ASN D 120 -25.54 2.13 14.03
N PHE D 121 -25.48 1.19 14.98
CA PHE D 121 -25.12 -0.18 14.63
C PHE D 121 -26.18 -1.23 14.98
N LEU D 122 -26.56 -1.33 16.25
CA LEU D 122 -27.47 -2.40 16.69
C LEU D 122 -28.82 -2.32 15.98
N SER D 123 -29.38 -1.11 15.87
CA SER D 123 -30.65 -0.93 15.15
C SER D 123 -30.58 -1.41 13.70
N TYR D 124 -29.41 -1.24 13.06
CA TYR D 124 -29.20 -1.71 11.69
C TYR D 124 -29.27 -3.23 11.67
N VAL D 125 -28.74 -3.85 12.71
CA VAL D 125 -28.79 -5.31 12.83
C VAL D 125 -30.24 -5.68 13.14
N VAL D 126 -30.87 -4.95 14.07
CA VAL D 126 -32.27 -5.28 14.40
C VAL D 126 -33.13 -5.20 13.11
N LEU D 127 -32.96 -4.11 12.37
CA LEU D 127 -33.68 -3.88 11.11
C LEU D 127 -33.38 -4.93 10.04
N THR D 128 -32.16 -5.42 9.98
CA THR D 128 -31.74 -6.40 8.97
C THR D 128 -32.40 -7.74 9.19
N VAL D 129 -32.32 -8.25 10.43
CA VAL D 129 -32.99 -9.48 10.88
C VAL D 129 -34.49 -9.45 10.51
N ALA D 130 -35.16 -8.33 10.82
CA ALA D 130 -36.56 -8.09 10.53
C ALA D 130 -36.85 -8.10 9.03
N ALA D 131 -35.93 -7.56 8.23
CA ALA D 131 -36.09 -7.44 6.77
C ALA D 131 -35.71 -8.67 5.95
N LEU D 132 -34.82 -9.51 6.47
CA LEU D 132 -34.24 -10.63 5.71
C LEU D 132 -35.29 -11.61 5.13
N PRO D 133 -36.35 -11.96 5.91
CA PRO D 133 -37.32 -12.86 5.30
C PRO D 133 -37.95 -12.29 4.01
N MET D 134 -38.25 -10.98 3.97
CA MET D 134 -38.75 -10.35 2.73
C MET D 134 -37.68 -10.22 1.66
N LEU D 135 -36.47 -9.89 2.06
CA LEU D 135 -35.36 -9.72 1.13
C LEU D 135 -34.90 -11.01 0.46
N LYS D 136 -34.85 -12.12 1.22
CA LYS D 136 -34.42 -13.40 0.64
C LYS D 136 -35.44 -13.78 -0.39
N GLN D 137 -36.71 -13.59 -0.03
CA GLN D 137 -37.87 -13.84 -0.86
C GLN D 137 -37.87 -13.08 -2.19
N SER D 138 -37.33 -11.85 -2.23
CA SER D 138 -37.27 -11.00 -3.44
C SER D 138 -35.91 -10.97 -4.12
N ASN D 139 -34.89 -11.53 -3.45
CA ASN D 139 -33.51 -11.45 -3.90
C ASN D 139 -33.02 -9.99 -3.86
N GLY D 140 -33.42 -9.31 -2.79
CA GLY D 140 -33.18 -7.89 -2.66
C GLY D 140 -31.79 -7.49 -2.19
N SER D 141 -31.73 -6.31 -1.57
CA SER D 141 -30.45 -5.68 -1.28
C SER D 141 -30.52 -4.96 0.02
N ILE D 142 -29.42 -5.03 0.79
CA ILE D 142 -29.23 -4.22 2.00
C ILE D 142 -28.18 -3.18 1.62
N VAL D 143 -28.48 -1.92 1.91
CA VAL D 143 -27.59 -0.82 1.55
C VAL D 143 -27.22 -0.20 2.86
N VAL D 144 -25.93 -0.18 3.17
CA VAL D 144 -25.48 0.35 4.46
C VAL D 144 -24.71 1.65 4.28
N VAL D 145 -25.20 2.72 4.90
CA VAL D 145 -24.54 4.02 4.80
C VAL D 145 -23.49 4.20 5.91
N SER D 146 -22.22 4.30 5.48
CA SER D 146 -21.10 4.37 6.37
C SER D 146 -20.31 5.64 6.11
N SER D 147 -19.00 5.61 6.33
CA SER D 147 -18.21 6.82 6.20
C SER D 147 -16.74 6.47 6.04
N LEU D 148 -15.95 7.44 5.60
CA LEU D 148 -14.51 7.28 5.61
C LEU D 148 -14.00 7.09 7.04
N ALA D 149 -14.67 7.74 7.99
CA ALA D 149 -14.43 7.54 9.39
C ALA D 149 -14.76 6.11 9.82
N GLY D 150 -15.32 5.32 8.90
CA GLY D 150 -15.60 3.91 9.13
C GLY D 150 -14.65 2.95 8.42
N LYS D 151 -13.50 3.47 7.98
CA LYS D 151 -12.45 2.69 7.32
C LYS D 151 -11.11 3.19 7.82
N VAL D 152 -11.11 4.42 8.29
CA VAL D 152 -9.89 5.11 8.68
C VAL D 152 -10.18 5.87 9.99
N ALA D 153 -9.15 6.16 10.77
CA ALA D 153 -9.29 6.88 12.01
C ALA D 153 -9.10 8.38 11.85
N TYR D 154 -10.13 9.13 12.28
CA TYR D 154 -10.09 10.60 12.39
C TYR D 154 -10.30 11.04 13.84
N PRO D 155 -9.50 12.01 14.35
CA PRO D 155 -9.84 12.53 15.70
C PRO D 155 -11.20 13.23 15.68
N LEU D 156 -11.79 13.42 16.87
CA LEU D 156 -13.09 14.14 17.05
C LEU D 156 -14.37 13.33 16.80
N VAL D 157 -14.24 12.06 16.35
CA VAL D 157 -15.41 11.19 16.11
C VAL D 157 -15.19 9.75 16.66
N ALA D 158 -14.68 9.63 17.88
CA ALA D 158 -14.41 8.32 18.48
C ALA D 158 -15.64 7.38 18.52
N ALA D 159 -16.70 7.77 19.22
CA ALA D 159 -17.93 6.97 19.29
C ALA D 159 -18.55 6.67 17.93
N TYR D 160 -18.76 7.72 17.13
CA TYR D 160 -19.31 7.62 15.80
C TYR D 160 -18.52 6.66 14.93
N SER D 161 -17.20 6.82 14.93
CA SER D 161 -16.29 5.97 14.14
C SER D 161 -16.34 4.47 14.56
N ALA D 162 -16.49 4.22 15.86
CA ALA D 162 -16.62 2.86 16.41
C ALA D 162 -17.82 2.14 15.82
N SER D 163 -18.93 2.86 15.74
CA SER D 163 -20.19 2.31 15.24
C SER D 163 -20.14 2.10 13.75
N LYS D 164 -19.41 2.96 13.05
CA LYS D 164 -19.25 2.80 11.61
C LYS D 164 -18.32 1.64 11.22
N PHE D 165 -17.23 1.47 11.98
CA PHE D 165 -16.31 0.34 11.80
C PHE D 165 -17.09 -0.97 12.15
N ALA D 166 -17.92 -0.94 13.21
CA ALA D 166 -18.75 -2.11 13.58
C ALA D 166 -19.66 -2.53 12.43
N LEU D 167 -20.23 -1.55 11.70
CA LEU D 167 -21.03 -1.83 10.51
C LEU D 167 -20.25 -2.68 9.50
N ASP D 168 -19.01 -2.28 9.19
CA ASP D 168 -18.16 -2.95 8.22
C ASP D 168 -17.95 -4.37 8.71
N GLY D 169 -17.55 -4.53 9.98
CA GLY D 169 -17.29 -5.85 10.57
C GLY D 169 -18.47 -6.78 10.43
N PHE D 170 -19.64 -6.32 10.88
CA PHE D 170 -20.83 -7.14 10.82
C PHE D 170 -21.22 -7.50 9.39
N PHE D 171 -21.45 -6.46 8.59
CA PHE D 171 -22.06 -6.61 7.27
C PHE D 171 -21.18 -7.25 6.21
N SER D 172 -19.86 -7.09 6.37
CA SER D 172 -18.89 -7.69 5.46
C SER D 172 -18.72 -9.19 5.77
N SER D 173 -18.83 -9.55 7.04
CA SER D 173 -18.80 -10.95 7.44
C SER D 173 -20.05 -11.69 6.96
N ILE D 174 -21.24 -11.10 7.17
CA ILE D 174 -22.52 -11.62 6.64
C ILE D 174 -22.40 -11.82 5.13
N ARG D 175 -21.82 -10.84 4.45
CA ARG D 175 -21.64 -10.98 3.01
C ARG D 175 -20.86 -12.26 2.64
N LYS D 176 -19.83 -12.59 3.43
CA LYS D 176 -18.99 -13.77 3.20
C LYS D 176 -19.82 -15.03 3.45
N GLU D 177 -20.71 -14.97 4.44
CA GLU D 177 -21.65 -16.04 4.73
C GLU D 177 -22.67 -16.27 3.60
N TYR D 178 -23.16 -15.19 3.01
CA TYR D 178 -24.15 -15.29 1.92
C TYR D 178 -23.55 -15.90 0.64
N SER D 179 -22.26 -15.66 0.37
CA SER D 179 -21.61 -16.26 -0.81
C SER D 179 -21.31 -17.73 -0.57
N VAL D 180 -20.85 -18.11 0.62
CA VAL D 180 -20.62 -19.53 0.85
C VAL D 180 -21.90 -20.34 0.76
N SER D 181 -23.01 -19.76 1.22
CA SER D 181 -24.28 -20.48 1.26
C SER D 181 -25.25 -20.11 0.13
N ARG D 182 -24.74 -19.37 -0.87
CA ARG D 182 -25.47 -19.00 -2.09
C ARG D 182 -26.72 -18.16 -1.86
N VAL D 183 -26.73 -17.35 -0.80
CA VAL D 183 -27.87 -16.46 -0.51
C VAL D 183 -27.82 -15.24 -1.46
N ASN D 184 -28.90 -15.03 -2.23
CA ASN D 184 -28.90 -13.92 -3.22
C ASN D 184 -29.47 -12.63 -2.69
N VAL D 185 -28.91 -12.19 -1.56
CA VAL D 185 -29.20 -10.87 -1.01
C VAL D 185 -27.86 -10.13 -1.03
N SER D 186 -27.82 -8.98 -1.71
CA SER D 186 -26.56 -8.26 -1.86
C SER D 186 -26.42 -7.35 -0.68
N ILE D 187 -25.18 -6.98 -0.37
CA ILE D 187 -24.88 -6.05 0.69
C ILE D 187 -23.90 -5.04 0.14
N THR D 188 -24.30 -3.75 0.15
CA THR D 188 -23.50 -2.62 -0.35
C THR D 188 -23.11 -1.74 0.80
N LEU D 189 -21.80 -1.56 1.02
CA LEU D 189 -21.34 -0.66 2.08
C LEU D 189 -20.89 0.65 1.46
N CYS D 190 -21.55 1.72 1.87
CA CYS D 190 -21.29 3.06 1.31
C CYS D 190 -20.29 3.86 2.13
N VAL D 191 -19.09 3.98 1.60
CA VAL D 191 -18.00 4.69 2.28
C VAL D 191 -17.93 6.17 1.83
N LEU D 192 -18.53 7.05 2.63
CA LEU D 192 -18.71 8.46 2.27
C LEU D 192 -17.77 9.44 2.93
N GLY D 193 -17.18 10.30 2.11
CA GLY D 193 -16.49 11.48 2.63
C GLY D 193 -17.50 12.55 3.08
N LEU D 194 -17.00 13.70 3.50
CA LEU D 194 -17.82 14.80 3.99
C LEU D 194 -18.78 15.28 2.88
N ILE D 195 -20.09 15.25 3.16
CA ILE D 195 -21.13 15.56 2.17
C ILE D 195 -21.85 16.85 2.56
N ASP D 196 -22.35 17.59 1.55
CA ASP D 196 -22.97 18.93 1.74
C ASP D 196 -24.42 18.96 2.32
N THR D 197 -24.68 18.14 3.34
CA THR D 197 -25.94 18.21 4.08
C THR D 197 -25.80 19.30 5.14
N GLU D 198 -26.94 19.73 5.65
CA GLU D 198 -27.05 20.86 6.56
C GLU D 198 -26.36 20.52 7.86
N THR D 199 -26.61 19.32 8.36
CA THR D 199 -26.02 18.87 9.62
C THR D 199 -24.48 18.83 9.56
N ALA D 200 -23.93 18.27 8.49
CA ALA D 200 -22.49 18.20 8.29
C ALA D 200 -21.86 19.59 8.22
N MET D 201 -22.33 20.42 7.28
CA MET D 201 -21.83 21.79 7.12
C MET D 201 -21.80 22.57 8.44
N LYS D 202 -22.89 22.47 9.21
CA LYS D 202 -22.95 23.13 10.52
C LYS D 202 -21.84 22.62 11.44
N ALA D 203 -21.63 21.30 11.45
CA ALA D 203 -20.71 20.65 12.39
C ALA D 203 -19.23 20.97 12.13
N VAL D 204 -18.88 21.14 10.85
CA VAL D 204 -17.48 21.37 10.48
C VAL D 204 -16.98 22.81 10.67
N SER D 205 -17.76 23.78 10.20
CA SER D 205 -17.43 25.21 10.21
C SER D 205 -16.58 25.69 11.40
N HIS D 209 -12.18 22.09 8.39
CA HIS D 209 -11.94 22.87 7.18
C HIS D 209 -11.60 21.96 5.99
N MET D 210 -12.64 21.39 5.38
CA MET D 210 -12.52 20.60 4.15
C MET D 210 -13.68 20.88 3.20
N GLN D 211 -13.49 20.47 1.95
CA GLN D 211 -14.47 20.62 0.90
C GLN D 211 -15.46 19.47 1.05
N ALA D 212 -16.75 19.77 0.85
CA ALA D 212 -17.83 18.79 0.96
C ALA D 212 -18.44 18.49 -0.39
N ALA D 213 -18.93 17.28 -0.60
CA ALA D 213 -19.41 16.84 -1.90
C ALA D 213 -20.94 16.94 -1.98
N PRO D 214 -21.50 17.01 -3.19
CA PRO D 214 -22.96 17.26 -3.27
C PRO D 214 -23.88 16.11 -2.83
N LYS D 215 -24.78 16.41 -1.88
CA LYS D 215 -25.72 15.40 -1.29
C LYS D 215 -26.63 14.74 -2.30
N GLU D 216 -27.09 15.52 -3.28
CA GLU D 216 -27.91 15.04 -4.39
C GLU D 216 -27.18 13.96 -5.22
N GLU D 217 -25.87 14.13 -5.39
CA GLU D 217 -25.07 13.19 -6.17
C GLU D 217 -24.66 11.98 -5.31
N CYS D 218 -24.28 12.26 -4.06
CA CYS D 218 -23.98 11.22 -3.06
C CYS D 218 -25.13 10.23 -3.01
N ALA D 219 -26.35 10.74 -2.78
CA ALA D 219 -27.58 9.93 -2.76
C ALA D 219 -27.80 9.07 -3.99
N LEU D 220 -27.52 9.60 -5.17
CA LEU D 220 -27.71 8.82 -6.36
C LEU D 220 -26.64 7.72 -6.53
N GLU D 221 -25.42 8.02 -6.14
CA GLU D 221 -24.36 7.02 -6.29
C GLU D 221 -24.59 5.81 -5.36
N ILE D 222 -25.29 6.06 -4.25
CA ILE D 222 -25.64 5.04 -3.25
C ILE D 222 -26.66 4.09 -3.85
N ILE D 223 -27.73 4.66 -4.39
CA ILE D 223 -28.76 3.88 -5.03
C ILE D 223 -28.25 3.10 -6.22
N LYS D 224 -27.36 3.74 -7.01
CA LYS D 224 -26.83 3.16 -8.24
C LYS D 224 -26.10 1.91 -7.83
N GLY D 225 -25.22 2.06 -6.82
CA GLY D 225 -24.39 0.99 -6.31
C GLY D 225 -25.19 -0.15 -5.77
N GLY D 226 -26.18 0.18 -4.94
CA GLY D 226 -27.07 -0.82 -4.36
C GLY D 226 -27.85 -1.54 -5.44
N ALA D 227 -28.34 -0.78 -6.43
CA ALA D 227 -29.05 -1.37 -7.57
C ALA D 227 -28.16 -2.32 -8.37
N LEU D 228 -26.86 -2.02 -8.43
CA LEU D 228 -25.91 -2.86 -9.17
C LEU D 228 -25.29 -3.98 -8.33
N ARG D 229 -25.65 -4.06 -7.04
CA ARG D 229 -25.16 -5.15 -6.15
C ARG D 229 -23.63 -5.13 -5.90
N GLN D 230 -23.05 -3.93 -5.98
CA GLN D 230 -21.64 -3.69 -5.71
C GLN D 230 -21.44 -3.84 -4.21
N GLU D 231 -20.28 -4.37 -3.85
CA GLU D 231 -19.93 -4.56 -2.45
C GLU D 231 -19.72 -3.25 -1.71
N GLU D 232 -18.99 -2.33 -2.32
CA GLU D 232 -18.69 -1.07 -1.71
C GLU D 232 -18.92 0.07 -2.70
N VAL D 233 -19.35 1.21 -2.18
CA VAL D 233 -19.52 2.42 -2.97
C VAL D 233 -18.71 3.50 -2.28
N TYR D 234 -17.85 4.13 -3.07
CA TYR D 234 -17.01 5.24 -2.65
C TYR D 234 -17.52 6.54 -3.25
N TYR D 235 -17.69 7.55 -2.38
CA TYR D 235 -18.09 8.89 -2.78
C TYR D 235 -17.43 9.91 -1.86
N ASP D 236 -16.60 10.74 -2.47
CA ASP D 236 -15.79 11.74 -1.80
C ASP D 236 -15.50 12.85 -2.84
N SER D 237 -15.00 14.00 -2.40
CA SER D 237 -14.63 15.08 -3.35
C SER D 237 -13.19 14.95 -3.90
N SER D 238 -12.33 14.28 -3.14
CA SER D 238 -10.96 14.02 -3.57
C SER D 238 -10.87 12.85 -4.54
N ARG D 239 -10.23 13.13 -5.67
CA ARG D 239 -9.92 12.08 -6.62
C ARG D 239 -8.93 11.08 -6.00
N TRP D 240 -8.16 11.53 -5.01
CA TRP D 240 -7.10 10.71 -4.43
C TRP D 240 -7.57 9.61 -3.49
N THR D 241 -8.61 9.89 -2.71
CA THR D 241 -9.16 8.91 -1.78
C THR D 241 -9.65 7.64 -2.48
N THR D 242 -10.30 7.81 -3.63
CA THR D 242 -10.78 6.68 -4.44
C THR D 242 -9.66 5.64 -4.71
N LEU D 243 -8.42 6.12 -4.76
CA LEU D 243 -7.24 5.27 -4.96
C LEU D 243 -6.70 4.66 -3.66
N LEU D 244 -6.85 5.38 -2.56
CA LEU D 244 -6.37 4.93 -1.26
C LEU D 244 -7.40 4.14 -0.43
N ILE D 245 -8.67 4.28 -0.76
CA ILE D 245 -9.72 3.61 0.00
C ILE D 245 -9.76 2.09 -0.28
N ARG D 246 -9.25 1.66 -1.42
CA ARG D 246 -9.21 0.22 -1.68
C ARG D 246 -8.10 -0.44 -0.84
N ASN D 247 -8.37 -1.67 -0.39
CA ASN D 247 -7.49 -2.39 0.53
C ASN D 247 -7.23 -3.72 -0.13
N PRO D 248 -6.20 -3.76 -1.00
CA PRO D 248 -5.97 -5.00 -1.74
C PRO D 248 -5.59 -6.10 -0.76
N SER D 249 -4.80 -5.75 0.24
CA SER D 249 -4.31 -6.79 1.12
C SER D 249 -5.44 -7.39 1.98
N ARG D 250 -6.52 -6.63 2.23
CA ARG D 250 -7.67 -7.15 2.97
C ARG D 250 -8.41 -8.20 2.11
N LYS D 251 -8.50 -7.94 0.83
CA LYS D 251 -9.19 -8.80 -0.11
C LYS D 251 -8.44 -10.14 -0.22
N ILE D 252 -7.10 -10.08 -0.28
CA ILE D 252 -6.23 -11.27 -0.28
C ILE D 252 -6.40 -12.12 1.02
N LEU D 253 -6.29 -11.45 2.17
CA LEU D 253 -6.46 -12.11 3.45
C LEU D 253 -7.79 -12.86 3.56
N GLU D 254 -8.84 -12.23 3.03
CA GLU D 254 -10.21 -12.74 3.03
C GLU D 254 -10.29 -13.97 2.13
N GLU D 255 -9.62 -13.87 0.99
CA GLU D 255 -9.67 -14.93 0.01
C GLU D 255 -8.79 -16.10 0.41
N LEU D 256 -7.82 -15.84 1.28
CA LEU D 256 -6.90 -16.85 1.80
C LEU D 256 -7.58 -17.70 2.87
N TYR D 257 -8.72 -17.26 3.36
CA TYR D 257 -9.51 -18.03 4.31
C TYR D 257 -10.23 -19.17 3.59
N SER D 258 -10.81 -18.85 2.43
CA SER D 258 -11.67 -19.72 1.59
C SER D 258 -11.45 -21.24 1.56
N THR D 259 -10.24 -21.69 1.92
CA THR D 259 -9.97 -23.12 2.10
C THR D 259 -9.60 -23.47 3.55
PA NAP E . 11.69 -14.53 -26.07
O1A NAP E . 13.01 -15.00 -25.52
O2A NAP E . 10.68 -15.64 -26.42
O5B NAP E . 11.99 -13.63 -27.34
C5B NAP E . 12.97 -12.59 -27.29
C4B NAP E . 12.79 -11.87 -28.62
O4B NAP E . 13.82 -10.88 -28.75
C3B NAP E . 12.99 -12.89 -29.75
O3B NAP E . 12.13 -12.62 -30.86
C2B NAP E . 14.46 -12.67 -30.13
O2B NAP E . 14.66 -13.12 -31.48
C1B NAP E . 14.61 -11.17 -29.93
N9A NAP E . 16.00 -10.73 -29.66
C8A NAP E . 16.92 -11.27 -28.81
N7A NAP E . 18.05 -10.58 -28.86
C5A NAP E . 17.92 -9.59 -29.76
C6A NAP E . 18.74 -8.55 -30.29
N6A NAP E . 20.02 -8.41 -29.88
N1A NAP E . 18.27 -7.76 -31.24
C2A NAP E . 17.04 -7.89 -31.71
N3A NAP E . 16.24 -8.80 -31.22
C4A NAP E . 16.61 -9.67 -30.28
O3 NAP E . 11.08 -13.43 -25.03
PN NAP E . 9.73 -13.28 -24.18
O1N NAP E . 8.54 -13.47 -25.11
O2N NAP E . 9.77 -14.26 -22.97
O5D NAP E . 9.71 -11.79 -23.58
C5D NAP E . 9.41 -10.65 -24.39
C4D NAP E . 9.13 -9.46 -23.49
O4D NAP E . 8.31 -9.84 -22.34
C3D NAP E . 10.52 -8.94 -22.96
O3D NAP E . 10.56 -7.52 -23.04
C2D NAP E . 10.50 -9.43 -21.48
O2D NAP E . 11.26 -8.54 -20.64
C1D NAP E . 8.98 -9.45 -21.15
N1N NAP E . 8.66 -10.36 -20.04
C2N NAP E . 8.71 -11.68 -20.22
C3N NAP E . 8.43 -12.55 -19.15
C7N NAP E . 8.44 -14.01 -19.32
O7N NAP E . 8.34 -14.71 -18.32
N7N NAP E . 8.56 -14.57 -20.56
C4N NAP E . 8.11 -11.99 -17.90
C5N NAP E . 8.06 -10.62 -17.77
C6N NAP E . 8.34 -9.83 -18.86
P2B NAP E . 16.12 -13.38 -32.08
O1X NAP E . 16.85 -12.00 -32.24
O2X NAP E . 16.96 -14.24 -31.08
O3X NAP E . 16.05 -14.05 -33.50
O14 4YQ F . 10.83 -10.88 -16.06
C13 4YQ F . 10.86 -11.94 -15.46
C5 4YQ F . 10.13 -12.16 -14.18
S6 4YQ F . 8.54 -11.45 -14.06
C7 4YQ F . 8.46 -12.28 -12.55
O9 4YQ F . 7.36 -12.15 -11.75
C10 4YQ F . 6.93 -13.32 -11.01
C11 4YQ F . 5.46 -13.20 -10.62
O12 4YQ F . 4.69 -13.78 -11.68
C4 4YQ F . 10.56 -12.97 -13.00
N8 4YQ F . 9.54 -12.95 -12.09
C3 4YQ F . 11.86 -13.64 -12.80
C2 4YQ F . 11.65 -15.12 -12.46
C1 4YQ F . 12.00 -14.12 -11.35
N15 4YQ F . 11.47 -13.00 -15.95
C16 4YQ F . 12.14 -13.07 -17.25
C17 4YQ F . 11.88 -14.49 -17.76
C18 4YQ F . 12.65 -15.53 -16.89
C21 4YQ F . 13.63 -12.79 -17.15
C20 4YQ F . 14.40 -13.84 -16.37
C22 4YQ F . 14.09 -12.79 -18.61
C23 4YQ F . 13.88 -14.20 -19.23
C25 4YQ F . 12.39 -14.58 -19.22
O26 4YQ F . 14.39 -14.14 -20.59
C24 4YQ F . 14.65 -15.25 -18.41
C19 4YQ F . 14.17 -15.25 -16.92
PA NAP G . 26.86 18.97 -8.02
O1A NAP G . 26.58 19.66 -9.32
O2A NAP G . 27.02 19.96 -6.85
O5B NAP G . 28.18 18.11 -8.14
C5B NAP G . 28.37 17.13 -9.14
C4B NAP G . 29.68 16.44 -8.78
O4B NAP G . 30.00 15.43 -9.77
C3B NAP G . 30.83 17.46 -8.81
O3B NAP G . 31.81 17.03 -7.86
C2B NAP G . 31.34 17.31 -10.25
O2B NAP G . 32.70 17.74 -10.36
C1B NAP G . 31.21 15.79 -10.43
N9A NAP G . 31.18 15.34 -11.83
C8A NAP G . 30.51 15.85 -12.91
N7A NAP G . 30.77 15.13 -13.97
C5A NAP G . 31.64 14.13 -13.64
C6A NAP G . 32.29 13.10 -14.31
N6A NAP G . 32.11 12.85 -15.64
N1A NAP G . 33.13 12.30 -13.64
C2A NAP G . 33.36 12.47 -12.35
N3A NAP G . 32.74 13.42 -11.69
C4A NAP G . 31.90 14.27 -12.28
O3 NAP G . 25.73 17.87 -7.71
PN NAP G . 24.66 17.73 -6.57
O1N NAP G . 25.33 17.91 -5.20
O2N NAP G . 23.44 18.63 -6.78
O5D NAP G . 24.11 16.21 -6.71
C5D NAP G . 24.75 15.07 -6.11
C4D NAP G . 23.79 13.89 -6.14
O4D NAP G . 22.50 14.22 -5.57
C3D NAP G . 23.53 13.41 -7.59
O3D NAP G . 23.50 11.97 -7.64
C2D NAP G . 22.15 13.98 -7.91
O2D NAP G . 21.47 13.18 -8.88
C1D NAP G . 21.48 13.89 -6.53
N1N NAP G . 20.33 14.79 -6.38
C2N NAP G . 20.50 16.11 -6.39
C3N NAP G . 19.40 16.95 -6.21
C7N NAP G . 19.53 18.40 -6.21
O7N NAP G . 18.50 19.05 -6.22
N7N NAP G . 20.76 19.00 -6.18
C4N NAP G . 18.13 16.39 -6.06
C5N NAP G . 18.01 15.00 -6.03
C6N NAP G . 19.15 14.23 -6.21
P2B NAP G . 33.43 17.89 -11.78
O1X NAP G . 33.76 16.49 -12.39
O2X NAP G . 32.51 18.59 -12.86
O3X NAP G . 34.69 18.74 -11.42
O14 4YQ H . 16.75 15.33 -9.03
C13 4YQ H . 16.12 16.37 -9.21
C5 4YQ H . 14.71 16.48 -8.74
S6 4YQ H . 14.33 15.82 -7.17
C7 4YQ H . 12.74 16.49 -7.43
O9 4YQ H . 11.75 16.27 -6.50
C10 4YQ H . 10.65 17.17 -6.28
C11 4YQ H . 10.57 17.60 -4.80
O12 4YQ H . 11.71 18.38 -4.37
C4 4YQ H . 13.61 17.22 -9.39
N8 4YQ H . 12.49 17.14 -8.60
C3 4YQ H . 13.72 17.88 -10.72
C2 4YQ H . 12.97 19.21 -10.81
C1 4YQ H . 12.33 17.94 -11.38
N15 4YQ H . 16.71 17.47 -9.71
C16 4YQ H . 18.13 17.52 -10.12
C17 4YQ H . 18.73 18.89 -9.75
C18 4YQ H . 18.15 20.06 -10.57
C21 4YQ H . 18.26 17.28 -11.63
C20 4YQ H . 17.58 18.41 -12.38
C22 4YQ H . 19.81 17.25 -11.92
C23 4YQ H . 20.45 18.60 -11.57
C25 4YQ H . 20.23 18.91 -10.09
O26 4YQ H . 21.88 18.58 -11.77
C24 4YQ H . 19.77 19.66 -12.46
C19 4YQ H . 18.27 19.75 -12.08
PA NAP I . -10.17 -17.65 26.41
O1A NAP I . -11.53 -18.19 26.01
O2A NAP I . -9.06 -18.69 26.66
O5B NAP I . -10.27 -16.73 27.71
C5B NAP I . -11.29 -15.76 27.88
C4B NAP I . -11.06 -15.04 29.23
O4B NAP I . -12.08 -14.00 29.39
C3B NAP I . -11.17 -15.98 30.44
O3B NAP I . -10.29 -15.54 31.50
C2B NAP I . -12.67 -15.83 30.77
O2B NAP I . -12.87 -16.15 32.13
C1B NAP I . -12.87 -14.31 30.56
N9A NAP I . -14.26 -13.90 30.39
C8A NAP I . -15.22 -14.53 29.64
N7A NAP I . -16.34 -13.90 29.79
C5A NAP I . -16.20 -12.85 30.66
C6A NAP I . -17.05 -11.86 31.21
N6A NAP I . -18.39 -11.78 30.89
N1A NAP I . -16.53 -10.99 32.08
C2A NAP I . -15.23 -11.03 32.42
N3A NAP I . -14.39 -11.92 31.93
C4A NAP I . -14.83 -12.85 31.05
O3 NAP I . -9.77 -16.64 25.24
PN NAP I . -8.52 -16.39 24.31
O1N NAP I . -7.23 -16.44 25.15
O2N NAP I . -8.57 -17.47 23.22
O5D NAP I . -8.69 -14.91 23.69
C5D NAP I . -8.25 -13.70 24.33
C4D NAP I . -8.23 -12.51 23.33
O4D NAP I . -7.55 -12.91 22.10
C3D NAP I . -9.67 -12.11 22.91
O3D NAP I . -9.77 -10.68 22.77
C2D NAP I . -9.85 -12.81 21.56
O2D NAP I . -10.79 -12.10 20.77
C1D NAP I . -8.42 -12.68 20.98
N1N NAP I . -8.13 -13.62 19.89
C2N NAP I . -8.07 -14.93 20.12
C3N NAP I . -7.81 -15.86 19.09
C7N NAP I . -7.75 -17.34 19.35
O7N NAP I . -7.73 -18.14 18.43
N7N NAP I . -7.68 -17.81 20.61
C4N NAP I . -7.60 -15.35 17.81
C5N NAP I . -7.67 -13.97 17.61
C6N NAP I . -7.93 -13.11 18.68
P2B NAP I . -14.26 -16.56 32.87
O1X NAP I . -14.94 -15.21 33.21
O2X NAP I . -15.19 -17.37 31.92
O3X NAP I . -13.83 -17.39 34.09
O14 4YQ J . -10.45 -14.28 16.13
C13 4YQ J . -10.61 -15.40 15.63
C5 4YQ J . -10.04 -15.68 14.26
S6 4YQ J . -8.49 -14.99 13.94
C7 4YQ J . -8.53 -15.81 12.44
O9 4YQ J . -7.51 -15.67 11.54
C10 4YQ J . -7.24 -16.67 10.55
C11 4YQ J . -5.76 -16.59 10.20
O12 4YQ J . -4.97 -17.00 11.30
C4 4YQ J . -10.51 -16.54 13.15
N8 4YQ J . -9.61 -16.52 12.13
C3 4YQ J . -11.78 -17.29 13.09
C2 4YQ J . -11.49 -18.61 12.40
C1 4YQ J . -12.26 -17.51 11.67
N15 4YQ J . -11.17 -16.48 16.24
C16 4YQ J . -11.71 -16.53 17.62
C17 4YQ J . -11.34 -17.93 18.19
C18 4YQ J . -12.07 -19.05 17.45
C21 4YQ J . -13.22 -16.37 17.70
C20 4YQ J . -13.93 -17.53 17.02
C22 4YQ J . -13.61 -16.41 19.20
C23 4YQ J . -13.22 -17.78 19.81
C25 4YQ J . -11.71 -18.02 19.67
O26 4YQ J . -13.57 -17.75 21.19
C24 4YQ J . -13.99 -18.90 19.07
C19 4YQ J . -13.58 -18.90 17.59
PA NAP K . -28.80 14.14 8.72
O1A NAP K . -28.39 14.81 10.05
O2A NAP K . -29.17 15.12 7.59
O5B NAP K . -30.06 13.19 8.93
C5B NAP K . -30.10 12.24 9.97
C4B NAP K . -31.38 11.44 9.77
O4B NAP K . -31.44 10.49 10.86
C3B NAP K . -32.65 12.32 9.89
O3B NAP K . -33.69 11.84 9.03
C2B NAP K . -33.00 12.22 11.39
O2B NAP K . -34.39 12.51 11.62
C1B NAP K . -32.61 10.75 11.65
N9A NAP K . -32.37 10.44 13.06
C8A NAP K . -31.62 11.10 14.00
N7A NAP K . -31.72 10.52 15.17
C5A NAP K . -32.54 9.43 15.03
C6A NAP K . -33.02 8.43 15.88
N6A NAP K . -32.70 8.42 17.21
N1A NAP K . -33.85 7.52 15.38
C2A NAP K . -34.19 7.51 14.10
N3A NAP K . -33.76 8.42 13.26
C4A NAP K . -32.95 9.39 13.68
O3 NAP K . -27.57 13.20 8.30
PN NAP K . -26.66 13.05 7.00
O1N NAP K . -27.44 13.09 5.69
O2N NAP K . -25.57 14.14 7.07
O5D NAP K . -26.03 11.60 7.13
C5D NAP K . -26.79 10.44 6.74
C4D NAP K . -25.85 9.22 6.67
O4D NAP K . -24.66 9.47 5.85
C3D NAP K . -25.34 8.71 8.05
O3D NAP K . -25.24 7.27 8.04
C2D NAP K . -23.97 9.41 8.15
O2D NAP K . -23.09 8.71 9.04
C1D NAP K . -23.50 9.27 6.68
N1N NAP K . -22.41 10.21 6.35
C2N NAP K . -22.60 11.53 6.27
C3N NAP K . -21.51 12.37 5.96
C7N NAP K . -21.69 13.84 5.83
O7N NAP K . -20.71 14.56 5.94
N7N NAP K . -22.91 14.37 5.57
C4N NAP K . -20.23 11.81 5.72
C5N NAP K . -20.09 10.44 5.83
C6N NAP K . -21.21 9.65 6.14
P2B NAP K . -35.01 13.04 13.02
O1X NAP K . -35.48 11.85 13.93
O2X NAP K . -33.97 13.82 13.87
O3X NAP K . -36.27 13.88 12.63
O14 4YQ L . -18.38 10.90 8.43
C13 4YQ L . -17.88 11.99 8.64
C5 4YQ L . -16.56 12.29 8.07
S6 4YQ L . -16.35 11.60 6.50
C7 4YQ L . -14.80 12.40 6.52
O9 4YQ L . -13.94 12.30 5.45
C10 4YQ L . -12.85 13.20 5.22
C11 4YQ L . -12.77 13.50 3.72
O12 4YQ L . -13.90 14.29 3.33
C4 4YQ L . -15.46 13.14 8.55
N8 4YQ L . -14.48 13.15 7.60
C3 4YQ L . -15.43 13.81 9.89
C2 4YQ L . -14.63 15.10 9.91
C1 4YQ L . -13.99 13.81 10.43
N15 4YQ L . -18.46 13.02 9.28
C16 4YQ L . -19.80 12.99 9.84
C17 4YQ L . -20.52 14.23 9.27
C18 4YQ L . -19.86 15.55 9.73
C21 4YQ L . -19.71 13.10 11.34
C20 4YQ L . -19.03 14.38 11.79
C22 4YQ L . -21.17 13.04 11.81
C23 4YQ L . -21.95 14.27 11.29
C25 4YQ L . -21.97 14.29 9.76
O26 4YQ L . -23.29 14.24 11.83
C24 4YQ L . -21.24 15.54 11.78
C19 4YQ L . -19.81 15.60 11.26
#